data_4IT9
#
_entry.id   4IT9
#
_cell.length_a   42.779
_cell.length_b   115.340
_cell.length_c   179.267
_cell.angle_alpha   90.000
_cell.angle_beta   90.000
_cell.angle_gamma   90.000
#
_symmetry.space_group_name_H-M   'P 21 21 21'
#
loop_
_entity.id
_entity.type
_entity.pdbx_description
1 polymer 'Succinate-semialdehyde dehydrogenase'
2 non-polymer 1,2-ETHANEDIOL
3 non-polymer 'PHOSPHATE ION'
4 water water
#
_entity_poly.entity_id   1
_entity_poly.type   'polypeptide(L)'
_entity_poly.pdbx_seq_one_letter_code
;GHMAIATINPTTGEICQRFKALTPAEIDAKLAKAQEAFQAYRRTSFSQRRQWLENAAAILERDTSKFAEIMTTEMGKTHQ
SAIAEAEKSALVCRYYAEHGEQFLANEYTETQATESYVCYQPLGILLAVMPWNFPFWQVFRFAAPALMAGNVAVLKHASN
VPQCALAVEAILEAAGFPEGVFQTLLIGASQVEQVIKDPRVKAATLTGSEPAGASLASLAGQEIKPTLLELGGSDPFVVF
PSADLDEAVEVGTVARTMNNGQSCIAAKRFILHEAIAAEFLEKLHLKFASLKIGDPMAPETDIGPLATEGILQDISRQVD
QAVAAGAKILLGGRPLDRAGYFYPPTILTEIPPGAKILQEELFAPVAMVFTVKDLDQAIALANDIPFGLGASAWTNDPAE
QQRFIQELDAGAVFINGMVKSDPRLPFGGTKRSGYGRELGLAGIRTFVNAKTVWLK
;
_entity_poly.pdbx_strand_id   A,B
#
loop_
_chem_comp.id
_chem_comp.type
_chem_comp.name
_chem_comp.formula
EDO non-polymer 1,2-ETHANEDIOL 'C2 H6 O2'
PO4 non-polymer 'PHOSPHATE ION' 'O4 P -3'
#
# COMPACT_ATOMS: atom_id res chain seq x y z
N ILE A 5 24.51 19.34 0.66
CA ILE A 5 23.55 19.89 1.62
C ILE A 5 23.93 21.30 2.03
N ALA A 6 23.07 22.26 1.73
CA ALA A 6 23.39 23.66 1.96
C ALA A 6 22.16 24.54 1.93
N THR A 7 22.22 25.65 2.65
CA THR A 7 21.25 26.72 2.50
C THR A 7 21.82 27.65 1.44
N ILE A 8 21.14 27.73 0.30
CA ILE A 8 21.46 28.70 -0.72
C ILE A 8 20.22 29.55 -0.95
N ASN A 9 20.30 30.82 -0.60
CA ASN A 9 19.15 31.72 -0.65
C ASN A 9 18.75 32.00 -2.09
N PRO A 10 17.55 31.55 -2.51
CA PRO A 10 17.17 31.68 -3.92
C PRO A 10 16.84 33.10 -4.35
N THR A 11 16.68 34.01 -3.39
CA THR A 11 16.42 35.41 -3.71
C THR A 11 17.72 36.12 -4.15
N THR A 12 18.84 35.66 -3.61
CA THR A 12 20.12 36.33 -3.86
C THR A 12 21.12 35.43 -4.57
N GLY A 13 20.91 34.12 -4.50
CA GLY A 13 21.85 33.16 -5.05
C GLY A 13 23.02 32.87 -4.12
N GLU A 14 22.99 33.49 -2.95
CA GLU A 14 24.09 33.38 -1.99
C GLU A 14 24.09 32.07 -1.22
N ILE A 15 25.23 31.40 -1.18
CA ILE A 15 25.44 30.24 -0.32
C ILE A 15 25.57 30.72 1.12
N CYS A 16 24.68 30.27 1.99
CA CYS A 16 24.60 30.79 3.36
C CYS A 16 25.28 29.89 4.39
N GLN A 17 25.07 28.59 4.25
CA GLN A 17 25.64 27.64 5.20
C GLN A 17 25.74 26.28 4.53
N ARG A 18 26.85 25.59 4.78
CA ARG A 18 27.02 24.23 4.29
C ARG A 18 26.95 23.25 5.46
N PHE A 19 26.43 22.06 5.19
CA PHE A 19 26.29 21.02 6.20
C PHE A 19 26.99 19.75 5.77
N LYS A 20 27.60 19.05 6.75
CA LYS A 20 28.28 17.79 6.48
C LYS A 20 27.25 16.68 6.46
N ALA A 21 27.30 15.84 5.43
CA ALA A 21 26.40 14.70 5.35
C ALA A 21 26.82 13.65 6.35
N LEU A 22 25.85 12.90 6.87
CA LEU A 22 26.16 11.78 7.75
C LEU A 22 26.90 10.71 6.97
N THR A 23 27.77 9.97 7.64
CA THR A 23 28.37 8.79 7.06
C THR A 23 27.42 7.61 7.26
N PRO A 24 27.63 6.52 6.52
CA PRO A 24 26.87 5.30 6.74
C PRO A 24 26.94 4.79 8.18
N ALA A 25 28.09 4.93 8.85
CA ALA A 25 28.18 4.51 10.25
C ALA A 25 27.28 5.38 11.11
N GLU A 26 27.23 6.68 10.80
CA GLU A 26 26.38 7.59 11.58
C GLU A 26 24.91 7.33 11.31
N ILE A 27 24.56 7.01 10.06
CA ILE A 27 23.20 6.59 9.74
C ILE A 27 22.83 5.32 10.51
N ASP A 28 23.73 4.34 10.52
CA ASP A 28 23.49 3.11 11.24
C ASP A 28 23.22 3.37 12.73
N ALA A 29 24.00 4.29 13.31
CA ALA A 29 23.86 4.61 14.72
C ALA A 29 22.49 5.23 15.00
N LYS A 30 22.03 6.09 14.09
CA LYS A 30 20.72 6.70 14.25
C LYS A 30 19.60 5.67 14.13
N LEU A 31 19.79 4.67 13.27
CA LEU A 31 18.78 3.62 13.14
C LEU A 31 18.75 2.72 14.36
N ALA A 32 19.93 2.42 14.92
CA ALA A 32 19.99 1.66 16.16
C ALA A 32 19.28 2.40 17.27
N LYS A 33 19.50 3.71 17.36
CA LYS A 33 18.83 4.49 18.41
C LYS A 33 17.32 4.54 18.20
N ALA A 34 16.89 4.70 16.95
CA ALA A 34 15.47 4.68 16.61
C ALA A 34 14.83 3.36 17.03
N GLN A 35 15.51 2.26 16.79
CA GLN A 35 14.98 0.96 17.16
C GLN A 35 14.84 0.83 18.68
N GLU A 36 15.83 1.31 19.40
CA GLU A 36 15.76 1.29 20.86
C GLU A 36 14.62 2.19 21.32
N ALA A 37 14.49 3.36 20.69
CA ALA A 37 13.46 4.31 21.08
C ALA A 37 12.08 3.74 20.81
N PHE A 38 11.94 3.05 19.68
CA PHE A 38 10.67 2.43 19.35
C PHE A 38 10.23 1.41 20.39
N GLN A 39 11.15 0.64 20.95
CA GLN A 39 10.76 -0.38 21.91
C GLN A 39 10.06 0.20 23.13
N ALA A 40 10.50 1.39 23.54
CA ALA A 40 9.86 2.08 24.65
C ALA A 40 8.65 2.88 24.19
N TYR A 41 8.79 3.54 23.04
CA TYR A 41 7.76 4.46 22.56
C TYR A 41 6.46 3.74 22.20
N ARG A 42 6.56 2.52 21.69
CA ARG A 42 5.37 1.75 21.33
C ARG A 42 4.52 1.46 22.58
N ARG A 43 5.14 1.63 23.76
CA ARG A 43 4.44 1.33 25.01
C ARG A 43 3.86 2.57 25.67
N THR A 44 4.12 3.74 25.09
CA THR A 44 3.57 4.98 25.66
C THR A 44 2.07 5.01 25.49
N SER A 45 1.41 5.76 26.36
CA SER A 45 -0.04 5.89 26.25
C SER A 45 -0.34 6.96 25.22
N PHE A 46 -1.55 6.90 24.67
CA PHE A 46 -2.01 7.97 23.79
C PHE A 46 -1.98 9.33 24.50
N SER A 47 -2.19 9.35 25.81
CA SER A 47 -2.19 10.63 26.54
C SER A 47 -0.82 11.31 26.45
N GLN A 48 0.26 10.55 26.60
CA GLN A 48 1.59 11.11 26.44
C GLN A 48 1.84 11.58 25.02
N ARG A 49 1.51 10.74 24.04
CA ARG A 49 1.73 11.11 22.63
C ARG A 49 0.95 12.36 22.27
N ARG A 50 -0.28 12.45 22.76
CA ARG A 50 -1.14 13.60 22.51
C ARG A 50 -0.56 14.86 23.14
N GLN A 51 -0.04 14.74 24.36
CA GLN A 51 0.59 15.88 25.03
C GLN A 51 1.75 16.45 24.22
N TRP A 52 2.64 15.56 23.78
CA TRP A 52 3.78 15.97 23.00
C TRP A 52 3.37 16.56 21.64
N LEU A 53 2.39 15.95 21.00
CA LEU A 53 1.88 16.46 19.72
C LEU A 53 1.25 17.84 19.88
N GLU A 54 0.46 18.02 20.94
CA GLU A 54 -0.13 19.33 21.20
C GLU A 54 0.94 20.36 21.61
N ASN A 55 1.98 19.95 22.33
CA ASN A 55 3.09 20.85 22.60
C ASN A 55 3.75 21.33 21.31
N ALA A 56 3.93 20.41 20.37
CA ALA A 56 4.52 20.74 19.08
C ALA A 56 3.65 21.75 18.36
N ALA A 57 2.33 21.55 18.38
CA ALA A 57 1.43 22.51 17.76
C ALA A 57 1.58 23.90 18.41
N ALA A 58 1.65 23.94 19.74
CA ALA A 58 1.82 25.22 20.45
C ALA A 58 3.13 25.94 20.09
N ILE A 59 4.22 25.18 19.90
CA ILE A 59 5.48 25.76 19.47
C ILE A 59 5.35 26.38 18.08
N LEU A 60 4.73 25.64 17.16
CA LEU A 60 4.50 26.15 15.81
C LEU A 60 3.63 27.41 15.82
N GLU A 61 2.58 27.39 16.64
CA GLU A 61 1.65 28.52 16.74
C GLU A 61 2.30 29.76 17.34
N ARG A 62 3.23 29.59 18.26
CA ARG A 62 3.89 30.73 18.90
C ARG A 62 4.94 31.37 18.00
N ASP A 63 5.72 30.54 17.33
CA ASP A 63 6.86 31.05 16.56
C ASP A 63 6.68 30.94 15.03
N THR A 64 5.45 31.09 14.54
CA THR A 64 5.19 30.95 13.09
C THR A 64 6.09 31.84 12.26
N SER A 65 6.28 33.08 12.70
CA SER A 65 7.03 34.03 11.89
C SER A 65 8.50 33.65 11.78
N LYS A 66 9.08 33.16 12.87
CA LYS A 66 10.48 32.72 12.85
C LYS A 66 10.64 31.49 11.96
N PHE A 67 9.75 30.52 12.12
CA PHE A 67 9.84 29.31 11.30
C PHE A 67 9.63 29.68 9.83
N ALA A 68 8.70 30.58 9.58
CA ALA A 68 8.43 31.00 8.21
C ALA A 68 9.66 31.65 7.60
N GLU A 69 10.39 32.44 8.39
CA GLU A 69 11.60 33.07 7.90
C GLU A 69 12.63 32.03 7.44
N ILE A 70 12.71 30.90 8.15
CA ILE A 70 13.61 29.84 7.72
C ILE A 70 13.19 29.28 6.37
N MET A 71 11.89 29.03 6.21
CA MET A 71 11.36 28.50 4.95
C MET A 71 11.66 29.46 3.80
N THR A 72 11.35 30.74 4.01
CA THR A 72 11.56 31.74 2.96
C THR A 72 13.04 31.89 2.60
N THR A 73 13.89 31.89 3.61
CA THR A 73 15.32 32.02 3.37
C THR A 73 15.86 30.85 2.55
N GLU A 74 15.42 29.63 2.88
CA GLU A 74 15.98 28.46 2.22
C GLU A 74 15.40 28.18 0.84
N MET A 75 14.08 28.39 0.66
CA MET A 75 13.44 27.94 -0.57
C MET A 75 12.54 28.95 -1.28
N GLY A 76 12.45 30.16 -0.74
CA GLY A 76 11.91 31.28 -1.50
C GLY A 76 10.41 31.53 -1.52
N LYS A 77 9.62 30.71 -0.83
CA LYS A 77 8.18 30.96 -0.77
C LYS A 77 7.94 32.24 0.03
N THR A 78 6.84 32.93 -0.24
CA THR A 78 6.60 34.19 0.48
C THR A 78 6.51 33.95 1.98
N HIS A 79 7.01 34.92 2.75
CA HIS A 79 7.00 34.80 4.20
C HIS A 79 5.57 34.64 4.70
N GLN A 80 4.63 35.34 4.07
CA GLN A 80 3.23 35.23 4.47
C GLN A 80 2.64 33.84 4.20
N SER A 81 2.99 33.22 3.09
CA SER A 81 2.50 31.86 2.82
C SER A 81 3.24 30.86 3.70
N ALA A 82 4.47 31.18 4.08
CA ALA A 82 5.21 30.30 4.99
C ALA A 82 4.63 30.36 6.41
N ILE A 83 4.11 31.52 6.78
CA ILE A 83 3.37 31.63 8.04
C ILE A 83 2.13 30.74 8.00
N ALA A 84 1.39 30.79 6.91
CA ALA A 84 0.23 29.92 6.73
C ALA A 84 0.65 28.45 6.81
N GLU A 85 1.81 28.14 6.24
CA GLU A 85 2.30 26.76 6.25
C GLU A 85 2.63 26.27 7.66
N ALA A 86 3.20 27.15 8.49
CA ALA A 86 3.46 26.81 9.88
C ALA A 86 2.16 26.62 10.64
N GLU A 87 1.17 27.47 10.34
CA GLU A 87 -0.13 27.33 10.96
C GLU A 87 -0.80 26.01 10.59
N LYS A 88 -0.66 25.62 9.33
CA LYS A 88 -1.30 24.38 8.86
C LYS A 88 -0.58 23.18 9.46
N SER A 89 0.72 23.30 9.67
CA SER A 89 1.50 22.26 10.34
C SER A 89 0.99 22.06 11.77
N ALA A 90 0.75 23.16 12.48
CA ALA A 90 0.16 23.06 13.82
C ALA A 90 -1.19 22.37 13.76
N LEU A 91 -1.97 22.71 12.74
CA LEU A 91 -3.32 22.18 12.59
C LEU A 91 -3.35 20.66 12.45
N VAL A 92 -2.45 20.09 11.66
CA VAL A 92 -2.45 18.63 11.48
C VAL A 92 -1.93 17.92 12.74
N CYS A 93 -1.09 18.61 13.51
CA CYS A 93 -0.66 18.07 14.81
C CYS A 93 -1.89 17.97 15.71
N ARG A 94 -2.67 19.04 15.76
CA ARG A 94 -3.85 19.03 16.62
C ARG A 94 -4.90 18.04 16.14
N TYR A 95 -5.02 17.87 14.82
CA TYR A 95 -5.98 16.91 14.26
C TYR A 95 -5.72 15.49 14.77
N TYR A 96 -4.48 15.03 14.68
CA TYR A 96 -4.20 13.68 15.15
C TYR A 96 -4.13 13.56 16.66
N ALA A 97 -3.78 14.65 17.35
CA ALA A 97 -3.89 14.64 18.80
C ALA A 97 -5.36 14.43 19.18
N GLU A 98 -6.25 15.08 18.44
CA GLU A 98 -7.66 15.07 18.79
C GLU A 98 -8.43 13.84 18.32
N HIS A 99 -7.94 13.16 17.27
CA HIS A 99 -8.68 12.05 16.67
C HIS A 99 -7.95 10.71 16.62
N GLY A 100 -6.63 10.75 16.82
CA GLY A 100 -5.79 9.58 16.59
C GLY A 100 -6.14 8.36 17.40
N GLU A 101 -6.43 8.53 18.69
CA GLU A 101 -6.79 7.38 19.51
C GLU A 101 -8.08 6.73 19.02
N GLN A 102 -9.11 7.53 18.76
CA GLN A 102 -10.37 7.02 18.24
C GLN A 102 -10.16 6.29 16.93
N PHE A 103 -9.32 6.86 16.07
CA PHE A 103 -9.05 6.32 14.74
C PHE A 103 -8.35 4.97 14.80
N LEU A 104 -7.69 4.69 15.92
CA LEU A 104 -6.94 3.44 16.08
C LEU A 104 -7.60 2.47 17.07
N ALA A 105 -8.84 2.76 17.44
CA ALA A 105 -9.55 1.93 18.40
C ALA A 105 -9.88 0.56 17.82
N ASN A 106 -9.98 -0.44 18.69
CA ASN A 106 -10.38 -1.77 18.26
C ASN A 106 -11.70 -1.73 17.50
N GLU A 107 -11.76 -2.48 16.41
CA GLU A 107 -13.01 -2.60 15.66
C GLU A 107 -13.50 -4.04 15.76
N TYR A 108 -14.64 -4.24 16.42
CA TYR A 108 -15.13 -5.58 16.69
C TYR A 108 -16.05 -6.10 15.60
N THR A 109 -15.96 -7.40 15.36
CA THR A 109 -16.80 -8.06 14.35
C THR A 109 -17.35 -9.33 14.96
N GLU A 110 -18.63 -9.60 14.78
CA GLU A 110 -19.24 -10.80 15.33
C GLU A 110 -18.86 -12.06 14.54
N THR A 111 -18.31 -13.05 15.24
CA THR A 111 -18.01 -14.37 14.66
C THR A 111 -18.38 -15.38 15.74
N GLN A 112 -17.95 -16.63 15.60
CA GLN A 112 -18.18 -17.59 16.68
C GLN A 112 -17.19 -17.40 17.83
N ALA A 113 -16.20 -16.54 17.63
CA ALA A 113 -15.27 -16.20 18.71
C ALA A 113 -16.01 -15.54 19.85
N THR A 114 -15.49 -15.70 21.06
CA THR A 114 -15.95 -14.89 22.19
C THR A 114 -15.62 -13.43 21.92
N GLU A 115 -14.41 -13.20 21.41
CA GLU A 115 -14.00 -11.88 20.97
C GLU A 115 -13.24 -11.98 19.66
N SER A 116 -13.68 -11.23 18.65
CA SER A 116 -12.90 -11.12 17.43
C SER A 116 -12.92 -9.66 16.99
N TYR A 117 -11.75 -9.14 16.67
CA TYR A 117 -11.61 -7.73 16.33
C TYR A 117 -10.32 -7.46 15.60
N VAL A 118 -10.22 -6.25 15.06
CA VAL A 118 -8.96 -5.75 14.54
C VAL A 118 -8.46 -4.69 15.50
N CYS A 119 -7.19 -4.79 15.87
CA CYS A 119 -6.55 -3.71 16.62
C CYS A 119 -5.43 -3.15 15.77
N TYR A 120 -4.90 -2.01 16.17
CA TYR A 120 -3.94 -1.31 15.33
C TYR A 120 -2.70 -1.00 16.13
N GLN A 121 -1.56 -1.49 15.66
CA GLN A 121 -0.30 -1.32 16.37
C GLN A 121 0.75 -0.78 15.41
N PRO A 122 1.73 -0.03 15.93
CA PRO A 122 2.73 0.55 15.03
C PRO A 122 3.65 -0.49 14.41
N LEU A 123 4.17 -0.17 13.23
CA LEU A 123 5.11 -1.03 12.52
C LEU A 123 6.53 -0.95 13.06
N GLY A 124 6.95 0.26 13.46
CA GLY A 124 8.32 0.49 13.86
C GLY A 124 8.93 1.75 13.24
N ILE A 125 10.15 1.63 12.73
CA ILE A 125 10.79 2.77 12.10
C ILE A 125 10.22 3.04 10.71
N LEU A 126 9.73 4.26 10.49
CA LEU A 126 9.29 4.71 9.18
C LEU A 126 10.30 5.66 8.60
N LEU A 127 10.69 5.45 7.33
CA LEU A 127 11.49 6.42 6.61
C LEU A 127 10.58 7.35 5.83
N ALA A 128 10.78 8.66 5.99
CA ALA A 128 10.12 9.66 5.17
C ALA A 128 11.13 10.42 4.33
N VAL A 129 10.89 10.47 3.03
CA VAL A 129 11.67 11.30 2.11
C VAL A 129 10.76 12.44 1.67
N MET A 130 11.14 13.67 2.02
CA MET A 130 10.26 14.82 1.83
C MET A 130 10.88 15.86 0.90
N PRO A 131 10.04 16.68 0.24
CA PRO A 131 10.51 17.64 -0.75
C PRO A 131 10.60 19.07 -0.21
N TRP A 132 11.29 19.94 -0.95
CA TRP A 132 11.55 21.30 -0.47
C TRP A 132 10.35 22.26 -0.58
N ASN A 133 9.31 21.88 -1.34
CA ASN A 133 8.27 22.87 -1.66
C ASN A 133 7.33 23.25 -0.51
N PHE A 134 7.09 22.32 0.41
CA PHE A 134 6.36 22.64 1.64
C PHE A 134 7.17 22.00 2.75
N PRO A 135 8.28 22.65 3.13
CA PRO A 135 9.28 21.97 3.95
C PRO A 135 8.87 21.73 5.39
N PHE A 136 7.85 22.43 5.90
CA PHE A 136 7.29 22.08 7.22
C PHE A 136 6.02 21.22 7.08
N TRP A 137 5.08 21.67 6.25
CA TRP A 137 3.78 21.02 6.15
C TRP A 137 3.87 19.55 5.72
N GLN A 138 4.66 19.25 4.70
CA GLN A 138 4.77 17.88 4.22
C GLN A 138 5.32 16.99 5.33
N VAL A 139 6.20 17.54 6.15
CA VAL A 139 6.82 16.75 7.21
C VAL A 139 5.81 16.48 8.32
N PHE A 140 5.12 17.53 8.74
CA PHE A 140 4.17 17.37 9.85
C PHE A 140 2.96 16.54 9.47
N ARG A 141 2.56 16.62 8.20
CA ARG A 141 1.48 15.81 7.66
C ARG A 141 1.77 14.30 7.79
N PHE A 142 3.04 13.94 7.70
CA PHE A 142 3.48 12.56 7.89
C PHE A 142 3.75 12.27 9.37
N ALA A 143 4.41 13.20 10.02
CA ALA A 143 4.96 12.95 11.36
C ALA A 143 3.87 12.88 12.42
N ALA A 144 2.88 13.75 12.33
CA ALA A 144 1.83 13.76 13.35
C ALA A 144 1.08 12.42 13.47
N PRO A 145 0.57 11.87 12.35
CA PRO A 145 -0.07 10.56 12.55
C PRO A 145 0.93 9.45 12.88
N ALA A 146 2.15 9.53 12.35
CA ALA A 146 3.15 8.52 12.62
C ALA A 146 3.43 8.42 14.11
N LEU A 147 3.61 9.58 14.75
CA LEU A 147 3.98 9.59 16.15
C LEU A 147 2.76 9.28 17.01
N MET A 148 1.57 9.72 16.59
CA MET A 148 0.39 9.39 17.38
C MET A 148 0.12 7.88 17.36
N ALA A 149 0.51 7.22 16.26
CA ALA A 149 0.29 5.79 16.13
C ALA A 149 1.33 4.96 16.87
N GLY A 150 2.41 5.59 17.32
CA GLY A 150 3.43 4.88 18.07
C GLY A 150 4.61 4.41 17.23
N ASN A 151 4.66 4.84 15.97
CA ASN A 151 5.84 4.62 15.15
C ASN A 151 6.93 5.59 15.54
N VAL A 152 8.15 5.32 15.09
CA VAL A 152 9.21 6.32 15.16
C VAL A 152 9.60 6.63 13.72
N ALA A 153 10.30 7.73 13.49
CA ALA A 153 10.53 8.17 12.12
C ALA A 153 11.92 8.68 11.91
N VAL A 154 12.48 8.40 10.73
CA VAL A 154 13.68 9.07 10.29
C VAL A 154 13.33 9.87 9.04
N LEU A 155 13.78 11.11 8.97
CA LEU A 155 13.44 12.00 7.87
C LEU A 155 14.65 12.27 7.00
N LYS A 156 14.54 12.00 5.70
CA LYS A 156 15.50 12.53 4.74
C LYS A 156 14.79 13.67 4.01
N HIS A 157 15.17 14.90 4.32
CA HIS A 157 14.54 16.05 3.68
C HIS A 157 15.34 16.42 2.44
N ALA A 158 14.81 17.35 1.66
CA ALA A 158 15.52 17.83 0.47
C ALA A 158 16.83 18.48 0.91
N SER A 159 17.87 18.34 0.09
CA SER A 159 19.21 18.83 0.46
C SER A 159 19.33 20.35 0.53
N ASN A 160 18.36 21.05 -0.02
CA ASN A 160 18.35 22.51 0.01
C ASN A 160 17.52 23.12 1.14
N VAL A 161 16.91 22.28 1.98
CA VAL A 161 16.23 22.79 3.17
C VAL A 161 16.76 22.19 4.48
N PRO A 162 18.09 22.17 4.68
CA PRO A 162 18.58 21.55 5.92
C PRO A 162 18.16 22.29 7.20
N GLN A 163 18.07 23.61 7.17
CA GLN A 163 17.65 24.32 8.38
C GLN A 163 16.20 24.04 8.73
N CYS A 164 15.35 23.91 7.72
CA CYS A 164 13.96 23.50 7.94
C CYS A 164 13.92 22.11 8.57
N ALA A 165 14.72 21.21 8.03
CA ALA A 165 14.74 19.83 8.52
C ALA A 165 15.22 19.76 9.96
N LEU A 166 16.25 20.54 10.29
CA LEU A 166 16.76 20.55 11.66
C LEU A 166 15.75 21.22 12.59
N ALA A 167 15.04 22.22 12.09
CA ALA A 167 14.04 22.89 12.91
C ALA A 167 12.88 21.99 13.29
N VAL A 168 12.45 21.14 12.36
CA VAL A 168 11.37 20.19 12.65
C VAL A 168 11.77 19.23 13.77
N GLU A 169 12.99 18.69 13.70
CA GLU A 169 13.47 17.85 14.79
C GLU A 169 13.53 18.63 16.11
N ALA A 170 14.05 19.85 16.06
CA ALA A 170 14.17 20.68 17.26
C ALA A 170 12.80 20.96 17.88
N ILE A 171 11.80 21.18 17.05
CA ILE A 171 10.44 21.42 17.53
C ILE A 171 9.94 20.19 18.29
N LEU A 172 10.17 19.01 17.72
CA LEU A 172 9.66 17.79 18.33
C LEU A 172 10.41 17.44 19.61
N GLU A 173 11.70 17.76 19.66
CA GLU A 173 12.45 17.61 20.92
C GLU A 173 11.91 18.53 22.00
N ALA A 174 11.70 19.80 21.65
CA ALA A 174 11.21 20.78 22.63
C ALA A 174 9.81 20.43 23.10
N ALA A 175 9.05 19.78 22.23
CA ALA A 175 7.69 19.36 22.57
C ALA A 175 7.70 18.26 23.62
N GLY A 176 8.81 17.52 23.69
CA GLY A 176 8.91 16.44 24.65
C GLY A 176 9.00 15.03 24.08
N PHE A 177 8.97 14.88 22.76
CA PHE A 177 9.09 13.52 22.21
C PHE A 177 10.46 12.94 22.56
N PRO A 178 10.50 11.72 23.12
CA PRO A 178 11.76 11.10 23.53
C PRO A 178 12.79 11.01 22.40
N GLU A 179 14.07 11.05 22.78
CA GLU A 179 15.18 10.96 21.84
C GLU A 179 15.05 9.69 21.01
N GLY A 180 15.18 9.84 19.69
CA GLY A 180 15.13 8.69 18.78
C GLY A 180 13.76 8.46 18.20
N VAL A 181 12.76 9.14 18.75
CA VAL A 181 11.40 9.02 18.18
C VAL A 181 11.28 9.71 16.83
N PHE A 182 11.97 10.85 16.66
CA PHE A 182 12.03 11.50 15.36
C PHE A 182 13.43 12.00 15.11
N GLN A 183 14.03 11.65 13.98
CA GLN A 183 15.40 12.07 13.71
C GLN A 183 15.53 12.57 12.29
N THR A 184 16.09 13.77 12.14
CA THR A 184 16.41 14.29 10.82
C THR A 184 17.76 13.73 10.40
N LEU A 185 17.81 13.14 9.21
CA LEU A 185 19.06 12.65 8.63
C LEU A 185 19.55 13.64 7.59
N LEU A 186 20.67 14.30 7.89
CA LEU A 186 21.31 15.18 6.91
C LEU A 186 22.05 14.30 5.92
N ILE A 187 21.32 13.78 4.94
CA ILE A 187 21.91 12.88 3.95
C ILE A 187 21.40 13.21 2.57
N GLY A 188 22.15 12.77 1.56
CA GLY A 188 21.77 13.01 0.18
C GLY A 188 20.97 11.87 -0.40
N ALA A 189 20.49 12.06 -1.63
CA ALA A 189 19.65 11.06 -2.30
C ALA A 189 20.31 9.69 -2.35
N SER A 190 21.63 9.66 -2.58
CA SER A 190 22.36 8.42 -2.75
C SER A 190 22.43 7.59 -1.46
N GLN A 191 22.11 8.23 -0.34
CA GLN A 191 22.27 7.56 0.94
C GLN A 191 20.98 6.92 1.42
N VAL A 192 19.90 7.18 0.69
CA VAL A 192 18.58 6.64 1.07
C VAL A 192 18.51 5.12 0.96
N GLU A 193 19.20 4.55 -0.02
CA GLU A 193 19.19 3.09 -0.21
C GLU A 193 19.59 2.35 1.06
N GLN A 194 20.61 2.84 1.77
CA GLN A 194 21.04 2.17 3.00
C GLN A 194 19.90 2.12 4.02
N VAL A 195 19.16 3.21 4.13
CA VAL A 195 18.05 3.27 5.07
C VAL A 195 16.94 2.28 4.70
N ILE A 196 16.53 2.27 3.44
CA ILE A 196 15.49 1.33 2.99
C ILE A 196 15.88 -0.12 3.20
N LYS A 197 17.18 -0.41 3.04
CA LYS A 197 17.66 -1.78 3.15
C LYS A 197 17.94 -2.21 4.58
N ASP A 198 17.89 -1.27 5.51
CA ASP A 198 18.15 -1.62 6.89
C ASP A 198 17.00 -2.47 7.43
N PRO A 199 17.31 -3.60 8.07
CA PRO A 199 16.24 -4.50 8.53
C PRO A 199 15.33 -3.86 9.57
N ARG A 200 15.81 -2.84 10.28
CA ARG A 200 14.99 -2.20 11.31
C ARG A 200 13.98 -1.22 10.72
N VAL A 201 14.23 -0.76 9.49
CA VAL A 201 13.28 0.13 8.81
C VAL A 201 12.13 -0.67 8.19
N LYS A 202 10.89 -0.37 8.57
CA LYS A 202 9.77 -1.25 8.24
C LYS A 202 8.90 -0.75 7.10
N ALA A 203 9.02 0.53 6.77
CA ALA A 203 8.16 1.13 5.76
C ALA A 203 8.75 2.45 5.29
N ALA A 204 8.30 2.94 4.16
CA ALA A 204 8.81 4.23 3.70
C ALA A 204 7.76 5.03 2.95
N THR A 205 7.82 6.34 3.10
CA THR A 205 6.88 7.22 2.40
C THR A 205 7.69 8.29 1.67
N LEU A 206 7.29 8.63 0.45
CA LEU A 206 7.97 9.69 -0.27
C LEU A 206 6.99 10.66 -0.87
N THR A 207 7.24 11.94 -0.68
CA THR A 207 6.57 12.99 -1.44
C THR A 207 7.63 13.70 -2.27
N GLY A 208 7.32 13.94 -3.54
CA GLY A 208 8.32 14.52 -4.44
C GLY A 208 8.06 14.22 -5.90
N SER A 209 9.14 13.93 -6.64
CA SER A 209 9.07 13.71 -8.09
C SER A 209 9.14 12.23 -8.39
N GLU A 210 8.80 11.87 -9.62
CA GLU A 210 8.78 10.46 -10.01
C GLU A 210 10.13 9.71 -9.96
N PRO A 211 11.24 10.34 -10.40
CA PRO A 211 12.48 9.56 -10.32
C PRO A 211 12.85 9.14 -8.90
N ALA A 212 12.67 10.04 -7.94
CA ALA A 212 12.95 9.71 -6.55
C ALA A 212 11.95 8.68 -6.04
N GLY A 213 10.69 8.85 -6.41
CA GLY A 213 9.65 7.93 -5.98
C GLY A 213 9.84 6.53 -6.55
N ALA A 214 10.20 6.45 -7.82
CA ALA A 214 10.42 5.15 -8.45
C ALA A 214 11.60 4.41 -7.82
N SER A 215 12.66 5.14 -7.52
CA SER A 215 13.81 4.55 -6.81
C SER A 215 13.42 4.02 -5.44
N LEU A 216 12.79 4.86 -4.62
CA LEU A 216 12.40 4.43 -3.28
C LEU A 216 11.44 3.25 -3.34
N ALA A 217 10.42 3.34 -4.17
CA ALA A 217 9.41 2.29 -4.22
C ALA A 217 9.98 0.97 -4.75
N SER A 218 10.87 1.03 -5.73
CA SER A 218 11.45 -0.20 -6.25
C SER A 218 12.36 -0.87 -5.23
N LEU A 219 13.17 -0.07 -4.53
CA LEU A 219 14.03 -0.61 -3.49
C LEU A 219 13.22 -1.20 -2.35
N ALA A 220 12.17 -0.49 -1.93
CA ALA A 220 11.33 -0.99 -0.84
C ALA A 220 10.63 -2.29 -1.24
N GLY A 221 10.19 -2.35 -2.49
CA GLY A 221 9.53 -3.55 -2.98
C GLY A 221 10.43 -4.76 -2.91
N GLN A 222 11.69 -4.58 -3.30
CA GLN A 222 12.67 -5.66 -3.21
C GLN A 222 12.83 -6.15 -1.77
N GLU A 223 12.65 -5.24 -0.81
CA GLU A 223 12.80 -5.59 0.60
C GLU A 223 11.48 -5.96 1.29
N ILE A 224 10.41 -6.10 0.49
CA ILE A 224 9.09 -6.47 1.00
C ILE A 224 8.59 -5.45 2.02
N LYS A 225 8.71 -4.16 1.68
CA LYS A 225 8.26 -3.10 2.58
C LYS A 225 7.23 -2.20 1.96
N PRO A 226 6.18 -1.85 2.73
CA PRO A 226 5.10 -1.03 2.18
C PRO A 226 5.50 0.42 2.01
N THR A 227 4.90 1.07 1.02
CA THR A 227 5.19 2.47 0.74
C THR A 227 3.93 3.28 0.48
N LEU A 228 4.08 4.60 0.53
CA LEU A 228 3.08 5.54 0.06
C LEU A 228 3.84 6.54 -0.78
N LEU A 229 3.31 6.90 -1.95
CA LEU A 229 3.96 7.86 -2.83
C LEU A 229 2.99 8.99 -3.17
N GLU A 230 3.42 10.22 -2.95
CA GLU A 230 2.66 11.39 -3.36
C GLU A 230 3.58 12.15 -4.30
N LEU A 231 3.29 12.09 -5.60
CA LEU A 231 4.20 12.68 -6.57
C LEU A 231 3.56 13.89 -7.24
N GLY A 232 4.04 14.21 -8.44
CA GLY A 232 3.58 15.42 -9.12
C GLY A 232 2.22 15.30 -9.77
N GLY A 233 1.72 16.41 -10.28
CA GLY A 233 0.47 16.41 -11.02
C GLY A 233 0.49 17.44 -12.14
N SER A 234 -0.53 17.38 -12.98
CA SER A 234 -0.79 18.46 -13.93
C SER A 234 -2.27 18.68 -13.89
N ASP A 235 -2.74 19.14 -12.74
CA ASP A 235 -4.15 19.19 -12.44
C ASP A 235 -4.93 20.08 -13.39
N PRO A 236 -6.08 19.61 -13.87
CA PRO A 236 -6.92 20.45 -14.71
C PRO A 236 -7.73 21.43 -13.86
N PHE A 237 -8.06 22.58 -14.44
CA PHE A 237 -8.91 23.58 -13.80
C PHE A 237 -9.91 23.91 -14.89
N VAL A 238 -11.08 23.28 -14.80
CA VAL A 238 -12.05 23.32 -15.90
C VAL A 238 -13.13 24.33 -15.58
N VAL A 239 -13.41 25.21 -16.55
CA VAL A 239 -14.38 26.28 -16.31
C VAL A 239 -15.46 26.22 -17.37
N PHE A 240 -16.70 26.05 -16.93
CA PHE A 240 -17.83 25.88 -17.84
C PHE A 240 -18.80 27.07 -17.80
N PRO A 241 -19.76 27.12 -18.74
CA PRO A 241 -20.47 28.40 -18.94
C PRO A 241 -21.30 28.90 -17.76
N SER A 242 -21.74 28.02 -16.85
CA SER A 242 -22.54 28.45 -15.71
C SER A 242 -21.71 28.83 -14.49
N ALA A 243 -20.39 28.81 -14.63
CA ALA A 243 -19.48 29.20 -13.55
C ALA A 243 -19.58 30.68 -13.20
N ASP A 244 -19.26 31.00 -11.94
CA ASP A 244 -18.98 32.37 -11.55
C ASP A 244 -17.58 32.66 -12.06
N LEU A 245 -17.51 33.34 -13.20
CA LEU A 245 -16.26 33.55 -13.90
C LEU A 245 -15.26 34.36 -13.09
N ASP A 246 -15.71 35.42 -12.45
CA ASP A 246 -14.78 36.24 -11.68
C ASP A 246 -14.21 35.47 -10.49
N GLU A 247 -15.02 34.68 -9.81
CA GLU A 247 -14.51 33.85 -8.72
C GLU A 247 -13.54 32.81 -9.25
N ALA A 248 -13.87 32.19 -10.37
CA ALA A 248 -13.01 31.18 -10.96
C ALA A 248 -11.64 31.76 -11.38
N VAL A 249 -11.63 32.99 -11.88
CA VAL A 249 -10.37 33.65 -12.25
C VAL A 249 -9.50 33.96 -11.03
N GLU A 250 -10.13 34.49 -10.00
CA GLU A 250 -9.44 34.86 -8.77
C GLU A 250 -8.84 33.61 -8.14
N VAL A 251 -9.65 32.58 -8.01
CA VAL A 251 -9.23 31.35 -7.33
C VAL A 251 -8.23 30.59 -8.21
N GLY A 252 -8.48 30.56 -9.52
CA GLY A 252 -7.56 29.92 -10.44
C GLY A 252 -6.18 30.54 -10.43
N THR A 253 -6.13 31.86 -10.27
CA THR A 253 -4.86 32.56 -10.22
C THR A 253 -4.08 32.16 -8.98
N VAL A 254 -4.78 32.09 -7.85
CA VAL A 254 -4.15 31.60 -6.62
C VAL A 254 -3.69 30.16 -6.81
N ALA A 255 -4.54 29.32 -7.40
CA ALA A 255 -4.21 27.91 -7.55
C ALA A 255 -2.97 27.67 -8.41
N ARG A 256 -2.80 28.44 -9.48
CA ARG A 256 -1.59 28.30 -10.30
C ARG A 256 -0.34 28.93 -9.68
N THR A 257 -0.50 30.07 -9.00
CA THR A 257 0.68 30.86 -8.64
C THR A 257 1.12 30.79 -7.17
N MET A 258 0.29 30.21 -6.31
CA MET A 258 0.66 30.04 -4.90
C MET A 258 1.92 29.19 -4.80
N ASN A 259 2.74 29.49 -3.80
CA ASN A 259 4.01 28.81 -3.59
C ASN A 259 4.89 28.94 -4.83
N ASN A 260 4.79 30.10 -5.48
CA ASN A 260 5.52 30.38 -6.71
C ASN A 260 5.30 29.31 -7.78
N GLY A 261 4.11 28.71 -7.77
CA GLY A 261 3.73 27.68 -8.72
C GLY A 261 4.17 26.27 -8.35
N GLN A 262 4.99 26.16 -7.31
CA GLN A 262 5.64 24.91 -6.98
C GLN A 262 4.79 24.04 -6.05
N SER A 263 3.71 23.51 -6.61
CA SER A 263 2.82 22.63 -5.87
C SER A 263 2.29 21.53 -6.78
N CYS A 264 2.24 20.32 -6.25
CA CYS A 264 1.72 19.19 -6.97
C CYS A 264 0.23 19.34 -7.31
N ILE A 265 -0.49 20.13 -6.50
CA ILE A 265 -1.90 20.41 -6.74
C ILE A 265 -2.15 21.84 -7.22
N ALA A 266 -1.15 22.48 -7.80
CA ALA A 266 -1.38 23.73 -8.49
C ALA A 266 -2.33 23.46 -9.65
N ALA A 267 -3.14 24.46 -9.99
CA ALA A 267 -3.89 24.42 -11.25
C ALA A 267 -2.90 24.63 -12.38
N LYS A 268 -2.65 23.62 -13.19
CA LYS A 268 -1.63 23.74 -14.22
C LYS A 268 -2.19 23.86 -15.63
N ARG A 269 -3.30 23.17 -15.90
CA ARG A 269 -3.92 23.21 -17.22
C ARG A 269 -5.34 23.77 -17.11
N PHE A 270 -5.55 24.96 -17.66
CA PHE A 270 -6.86 25.58 -17.62
C PHE A 270 -7.64 25.16 -18.86
N ILE A 271 -8.81 24.58 -18.64
CA ILE A 271 -9.59 23.97 -19.72
C ILE A 271 -10.90 24.72 -19.77
N LEU A 272 -11.08 25.53 -20.81
CA LEU A 272 -12.12 26.55 -20.84
C LEU A 272 -13.16 26.21 -21.89
N HIS A 273 -14.42 26.17 -21.48
CA HIS A 273 -15.50 25.98 -22.46
C HIS A 273 -15.49 27.19 -23.40
N GLU A 274 -15.65 26.95 -24.69
CA GLU A 274 -15.53 28.03 -25.69
C GLU A 274 -16.48 29.20 -25.45
N ALA A 275 -17.60 28.96 -24.79
CA ALA A 275 -18.60 30.01 -24.60
C ALA A 275 -18.09 31.09 -23.66
N ILE A 276 -17.20 30.71 -22.74
CA ILE A 276 -16.67 31.66 -21.77
C ILE A 276 -15.16 31.86 -21.90
N ALA A 277 -14.53 31.18 -22.85
CA ALA A 277 -13.07 31.17 -22.91
C ALA A 277 -12.44 32.55 -23.13
N ALA A 278 -12.99 33.33 -24.04
CA ALA A 278 -12.42 34.66 -24.31
C ALA A 278 -12.43 35.54 -23.06
N GLU A 279 -13.56 35.57 -22.35
CA GLU A 279 -13.69 36.38 -21.15
C GLU A 279 -12.78 35.86 -20.03
N PHE A 280 -12.78 34.55 -19.81
CA PHE A 280 -11.98 33.99 -18.73
C PHE A 280 -10.50 34.21 -19.00
N LEU A 281 -10.07 33.94 -20.22
CA LEU A 281 -8.66 34.05 -20.55
C LEU A 281 -8.17 35.50 -20.41
N GLU A 282 -8.97 36.46 -20.87
CA GLU A 282 -8.59 37.85 -20.70
C GLU A 282 -8.45 38.20 -19.23
N LYS A 283 -9.40 37.77 -18.43
CA LYS A 283 -9.38 38.07 -17.00
C LYS A 283 -8.22 37.36 -16.30
N LEU A 284 -7.90 36.16 -16.74
CA LEU A 284 -6.76 35.42 -16.18
C LEU A 284 -5.45 36.14 -16.55
N HIS A 285 -5.36 36.57 -17.80
CA HIS A 285 -4.23 37.34 -18.29
C HIS A 285 -4.05 38.59 -17.42
N LEU A 286 -5.13 39.31 -17.17
CA LEU A 286 -5.07 40.51 -16.35
C LEU A 286 -4.63 40.23 -14.91
N LYS A 287 -5.15 39.16 -14.33
CA LYS A 287 -4.82 38.84 -12.94
C LYS A 287 -3.35 38.44 -12.80
N PHE A 288 -2.86 37.60 -13.71
CA PHE A 288 -1.44 37.22 -13.68
C PHE A 288 -0.55 38.43 -13.88
N ALA A 289 -0.95 39.34 -14.77
CA ALA A 289 -0.10 40.46 -15.15
C ALA A 289 0.21 41.41 -14.01
N SER A 290 -0.66 41.45 -13.01
CA SER A 290 -0.50 42.40 -11.91
C SER A 290 -0.08 41.76 -10.58
N LEU A 291 0.31 40.49 -10.61
CA LEU A 291 0.90 39.88 -9.43
C LEU A 291 2.22 40.59 -9.12
N LYS A 292 2.52 40.77 -7.84
CA LYS A 292 3.74 41.45 -7.44
C LYS A 292 4.91 40.49 -7.30
N ILE A 293 5.97 40.74 -8.05
CA ILE A 293 7.16 39.89 -8.02
C ILE A 293 8.24 40.61 -7.23
N GLY A 294 8.91 39.89 -6.32
CA GLY A 294 9.95 40.53 -5.54
C GLY A 294 10.45 39.71 -4.38
N ASP A 295 11.02 40.39 -3.40
CA ASP A 295 11.58 39.74 -2.22
C ASP A 295 10.48 39.03 -1.45
N PRO A 296 10.60 37.71 -1.29
CA PRO A 296 9.54 36.95 -0.62
C PRO A 296 9.37 37.34 0.85
N MET A 297 10.36 37.96 1.46
CA MET A 297 10.20 38.42 2.85
C MET A 297 9.24 39.60 2.98
N ALA A 298 9.06 40.36 1.90
CA ALA A 298 8.13 41.49 1.90
C ALA A 298 6.67 41.01 1.87
N PRO A 299 5.84 41.52 2.79
CA PRO A 299 4.47 41.04 2.92
C PRO A 299 3.61 41.25 1.68
N GLU A 300 3.98 42.20 0.83
CA GLU A 300 3.19 42.51 -0.36
C GLU A 300 3.54 41.63 -1.55
N THR A 301 4.62 40.87 -1.45
CA THR A 301 5.07 40.02 -2.56
C THR A 301 4.11 38.85 -2.83
N ASP A 302 3.72 38.66 -4.09
CA ASP A 302 2.96 37.48 -4.50
C ASP A 302 3.88 36.37 -4.97
N ILE A 303 4.89 36.74 -5.75
CA ILE A 303 5.76 35.78 -6.42
C ILE A 303 7.22 36.00 -6.02
N GLY A 304 7.79 35.05 -5.29
CA GLY A 304 9.22 35.07 -5.00
C GLY A 304 9.96 34.32 -6.08
N PRO A 305 11.25 34.04 -5.85
CA PRO A 305 12.04 33.27 -6.82
C PRO A 305 11.67 31.80 -6.77
N LEU A 306 11.95 31.06 -7.84
CA LEU A 306 11.82 29.60 -7.80
C LEU A 306 12.89 29.09 -6.84
N ALA A 307 12.72 27.88 -6.33
CA ALA A 307 13.55 27.45 -5.21
C ALA A 307 15.02 27.18 -5.54
N THR A 308 15.29 26.73 -6.76
CA THR A 308 16.68 26.42 -7.15
C THR A 308 16.98 26.85 -8.58
N GLU A 309 18.26 26.93 -8.91
CA GLU A 309 18.65 27.26 -10.27
C GLU A 309 18.23 26.16 -11.25
N GLY A 310 18.23 24.91 -10.77
CA GLY A 310 17.79 23.80 -11.58
C GLY A 310 16.34 23.87 -12.02
N ILE A 311 15.46 24.26 -11.08
CA ILE A 311 14.04 24.45 -11.38
C ILE A 311 13.88 25.57 -12.40
N LEU A 312 14.61 26.66 -12.20
CA LEU A 312 14.59 27.78 -13.14
C LEU A 312 15.04 27.36 -14.53
N GLN A 313 16.13 26.60 -14.61
CA GLN A 313 16.64 26.13 -15.90
C GLN A 313 15.64 25.21 -16.58
N ASP A 314 15.02 24.33 -15.79
CA ASP A 314 14.06 23.38 -16.34
C ASP A 314 12.81 24.06 -16.91
N ILE A 315 12.20 24.97 -16.15
CA ILE A 315 10.97 25.62 -16.67
C ILE A 315 11.29 26.50 -17.86
N SER A 316 12.46 27.13 -17.85
CA SER A 316 12.86 27.99 -18.96
C SER A 316 12.96 27.18 -20.24
N ARG A 317 13.60 26.02 -20.15
CA ARG A 317 13.73 25.14 -21.30
C ARG A 317 12.38 24.60 -21.75
N GLN A 318 11.55 24.18 -20.79
CA GLN A 318 10.24 23.63 -21.13
C GLN A 318 9.44 24.64 -21.92
N VAL A 319 9.41 25.88 -21.44
CA VAL A 319 8.65 26.92 -22.11
C VAL A 319 9.27 27.25 -23.46
N ASP A 320 10.59 27.37 -23.49
CA ASP A 320 11.27 27.67 -24.76
C ASP A 320 10.99 26.63 -25.84
N GLN A 321 11.04 25.35 -25.48
CA GLN A 321 10.77 24.30 -26.47
C GLN A 321 9.32 24.27 -26.93
N ALA A 322 8.39 24.61 -26.03
CA ALA A 322 6.98 24.71 -26.40
C ALA A 322 6.76 25.84 -27.39
N VAL A 323 7.42 26.97 -27.14
CA VAL A 323 7.27 28.13 -28.02
C VAL A 323 7.90 27.87 -29.39
N ALA A 324 9.06 27.22 -29.41
CA ALA A 324 9.72 26.88 -30.66
C ALA A 324 8.82 25.95 -31.50
N ALA A 325 8.03 25.13 -30.82
CA ALA A 325 7.13 24.20 -31.48
C ALA A 325 5.88 24.90 -32.01
N GLY A 326 5.60 26.10 -31.51
CA GLY A 326 4.49 26.89 -32.01
C GLY A 326 3.55 27.45 -30.97
N ALA A 327 3.79 27.13 -29.70
CA ALA A 327 2.96 27.66 -28.63
C ALA A 327 3.09 29.17 -28.58
N LYS A 328 2.02 29.84 -28.15
CA LYS A 328 2.02 31.29 -28.04
C LYS A 328 2.20 31.74 -26.60
N ILE A 329 2.99 32.80 -26.41
CA ILE A 329 3.14 33.38 -25.08
C ILE A 329 2.19 34.56 -24.94
N LEU A 330 1.20 34.42 -24.07
CA LEU A 330 0.26 35.51 -23.82
C LEU A 330 0.88 36.47 -22.81
N LEU A 331 1.73 35.94 -21.92
CA LEU A 331 2.34 36.70 -20.84
C LEU A 331 3.60 35.99 -20.36
N GLY A 332 4.65 36.76 -20.03
CA GLY A 332 5.85 36.19 -19.42
C GLY A 332 6.70 35.38 -20.37
N GLY A 333 7.15 34.21 -19.94
CA GLY A 333 7.83 33.28 -20.82
C GLY A 333 9.34 33.40 -20.88
N ARG A 334 9.93 34.16 -19.97
CA ARG A 334 11.37 34.43 -20.01
C ARG A 334 11.85 34.70 -18.59
N PRO A 335 13.01 34.14 -18.19
CA PRO A 335 13.54 34.40 -16.85
C PRO A 335 13.78 35.89 -16.65
N LEU A 336 13.55 36.39 -15.43
CA LEU A 336 13.71 37.82 -15.17
C LEU A 336 15.19 38.20 -15.02
N ASP A 337 15.53 39.39 -15.49
CA ASP A 337 16.91 39.87 -15.43
C ASP A 337 17.19 40.54 -14.08
N ARG A 338 17.47 39.71 -13.09
CA ARG A 338 17.72 40.19 -11.74
C ARG A 338 18.35 39.06 -10.94
N ALA A 339 18.94 39.40 -9.80
CA ALA A 339 19.50 38.40 -8.90
C ALA A 339 18.41 37.46 -8.41
N GLY A 340 18.76 36.21 -8.21
CA GLY A 340 17.80 35.24 -7.71
C GLY A 340 17.18 34.46 -8.85
N TYR A 341 16.50 33.38 -8.51
CA TYR A 341 16.00 32.46 -9.54
C TYR A 341 14.60 32.81 -9.98
N PHE A 342 14.41 34.03 -10.47
CA PHE A 342 13.06 34.56 -10.74
C PHE A 342 12.53 34.19 -12.12
N TYR A 343 11.32 33.63 -12.15
CA TYR A 343 10.58 33.38 -13.37
C TYR A 343 9.18 33.97 -13.22
N PRO A 344 8.72 34.74 -14.22
CA PRO A 344 7.46 35.49 -14.10
C PRO A 344 6.24 34.62 -14.36
N PRO A 345 5.09 35.02 -13.81
CA PRO A 345 3.82 34.40 -14.18
C PRO A 345 3.70 34.38 -15.69
N THR A 346 3.32 33.23 -16.24
CA THR A 346 3.39 33.00 -17.67
C THR A 346 2.13 32.28 -18.10
N ILE A 347 1.60 32.64 -19.27
CA ILE A 347 0.44 31.95 -19.82
C ILE A 347 0.77 31.51 -21.22
N LEU A 348 0.57 30.22 -21.51
CA LEU A 348 0.83 29.68 -22.84
C LEU A 348 -0.49 29.23 -23.46
N THR A 349 -0.72 29.62 -24.72
CA THR A 349 -1.92 29.20 -25.44
C THR A 349 -1.56 28.56 -26.78
N GLU A 350 -2.56 28.01 -27.45
CA GLU A 350 -2.39 27.40 -28.77
C GLU A 350 -1.24 26.42 -28.83
N ILE A 351 -1.11 25.58 -27.81
CA ILE A 351 -0.05 24.59 -27.77
C ILE A 351 -0.34 23.50 -28.79
N PRO A 352 0.61 23.26 -29.71
CA PRO A 352 0.43 22.27 -30.78
C PRO A 352 0.18 20.87 -30.22
N PRO A 353 -0.70 20.10 -30.87
CA PRO A 353 -0.92 18.71 -30.48
C PRO A 353 0.40 17.96 -30.55
N GLY A 354 0.67 17.10 -29.58
CA GLY A 354 1.88 16.31 -29.62
C GLY A 354 3.11 16.98 -29.05
N ALA A 355 2.96 18.25 -28.64
CA ALA A 355 4.03 18.92 -27.92
C ALA A 355 4.28 18.17 -26.62
N LYS A 356 5.55 17.92 -26.31
CA LYS A 356 5.93 17.18 -25.11
C LYS A 356 5.42 17.86 -23.83
N ILE A 357 5.36 19.18 -23.84
CA ILE A 357 5.00 19.93 -22.64
C ILE A 357 3.60 19.57 -22.14
N LEU A 358 2.73 19.12 -23.05
CA LEU A 358 1.36 18.73 -22.70
C LEU A 358 1.32 17.59 -21.69
N GLN A 359 2.40 16.82 -21.61
CA GLN A 359 2.47 15.65 -20.75
C GLN A 359 3.38 15.85 -19.55
N GLU A 360 3.87 17.07 -19.36
CA GLU A 360 4.84 17.35 -18.30
C GLU A 360 4.25 18.19 -17.20
N GLU A 361 4.86 18.13 -16.02
CA GLU A 361 4.46 19.00 -14.91
C GLU A 361 5.24 20.30 -14.99
N LEU A 362 4.53 21.42 -14.94
CA LEU A 362 5.17 22.74 -14.92
C LEU A 362 5.23 23.23 -13.48
N PHE A 363 6.41 23.15 -12.88
CA PHE A 363 6.58 23.43 -11.46
C PHE A 363 7.08 24.86 -11.27
N ALA A 364 6.20 25.81 -11.62
CA ALA A 364 6.53 27.22 -11.76
C ALA A 364 5.21 27.87 -12.13
N PRO A 365 5.14 29.21 -12.09
CA PRO A 365 3.83 29.84 -12.28
C PRO A 365 3.45 29.99 -13.75
N VAL A 366 3.35 28.87 -14.44
CA VAL A 366 3.15 28.84 -15.87
C VAL A 366 1.88 28.07 -16.19
N ALA A 367 0.86 28.78 -16.66
CA ALA A 367 -0.42 28.12 -17.00
C ALA A 367 -0.46 27.74 -18.47
N MET A 368 -0.94 26.53 -18.76
CA MET A 368 -1.26 26.13 -20.13
C MET A 368 -2.76 26.32 -20.26
N VAL A 369 -3.21 26.89 -21.37
CA VAL A 369 -4.65 27.16 -21.55
C VAL A 369 -5.17 26.42 -22.79
N PHE A 370 -6.36 25.82 -22.65
CA PHE A 370 -7.00 25.08 -23.73
C PHE A 370 -8.46 25.48 -23.84
N THR A 371 -9.02 25.36 -25.04
CA THR A 371 -10.46 25.60 -25.24
C THR A 371 -11.14 24.29 -25.65
N VAL A 372 -12.30 24.01 -25.07
CA VAL A 372 -13.08 22.82 -25.43
C VAL A 372 -14.52 23.17 -25.76
N LYS A 373 -15.21 22.26 -26.43
CA LYS A 373 -16.55 22.55 -26.95
C LYS A 373 -17.67 21.99 -26.11
N ASP A 374 -17.38 20.97 -25.31
CA ASP A 374 -18.42 20.33 -24.52
C ASP A 374 -17.84 19.53 -23.37
N LEU A 375 -18.74 18.96 -22.57
CA LEU A 375 -18.37 18.19 -21.38
C LEU A 375 -17.48 16.98 -21.69
N ASP A 376 -17.85 16.20 -22.70
CA ASP A 376 -17.05 15.03 -23.06
C ASP A 376 -15.61 15.40 -23.41
N GLN A 377 -15.44 16.47 -24.19
CA GLN A 377 -14.09 16.88 -24.59
C GLN A 377 -13.31 17.43 -23.40
N ALA A 378 -14.00 18.14 -22.51
CA ALA A 378 -13.33 18.68 -21.32
C ALA A 378 -12.78 17.55 -20.45
N ILE A 379 -13.58 16.51 -20.26
CA ILE A 379 -13.18 15.37 -19.43
C ILE A 379 -12.05 14.59 -20.10
N ALA A 380 -12.15 14.40 -21.41
CA ALA A 380 -11.12 13.68 -22.15
C ALA A 380 -9.78 14.40 -22.06
N LEU A 381 -9.80 15.72 -22.24
CA LEU A 381 -8.57 16.52 -22.19
C LEU A 381 -8.03 16.55 -20.78
N ALA A 382 -8.91 16.71 -19.81
CA ALA A 382 -8.50 16.74 -18.41
C ALA A 382 -7.74 15.47 -17.99
N ASN A 383 -8.17 14.33 -18.52
CA ASN A 383 -7.58 13.05 -18.14
C ASN A 383 -6.41 12.61 -19.01
N ASP A 384 -6.16 13.36 -20.09
CA ASP A 384 -5.17 12.95 -21.08
C ASP A 384 -3.76 13.33 -20.64
N ILE A 385 -3.36 12.81 -19.47
CA ILE A 385 -2.04 13.08 -18.88
C ILE A 385 -1.61 11.82 -18.12
N PRO A 386 -0.31 11.72 -17.79
CA PRO A 386 0.09 10.53 -17.03
C PRO A 386 -0.25 10.65 -15.55
N PHE A 387 -0.49 11.88 -15.09
CA PHE A 387 -0.73 12.17 -13.68
C PHE A 387 -2.21 12.07 -13.34
N GLY A 388 -2.53 12.16 -12.05
CA GLY A 388 -3.91 12.07 -11.62
C GLY A 388 -4.05 12.45 -10.16
N LEU A 389 -3.57 13.64 -9.82
CA LEU A 389 -3.57 14.06 -8.42
C LEU A 389 -4.88 14.75 -8.06
N GLY A 390 -5.03 16.01 -8.45
CA GLY A 390 -6.26 16.72 -8.15
C GLY A 390 -6.95 17.20 -9.41
N ALA A 391 -8.15 17.74 -9.25
CA ALA A 391 -8.87 18.33 -10.38
C ALA A 391 -9.89 19.31 -9.84
N SER A 392 -10.06 20.42 -10.55
CA SER A 392 -11.03 21.43 -10.15
C SER A 392 -11.94 21.73 -11.34
N ALA A 393 -13.25 21.81 -11.09
CA ALA A 393 -14.18 22.09 -12.17
C ALA A 393 -15.19 23.12 -11.71
N TRP A 394 -15.53 24.06 -12.59
CA TRP A 394 -16.39 25.18 -12.24
C TRP A 394 -17.66 25.17 -13.08
N THR A 395 -18.78 24.93 -12.40
CA THR A 395 -20.07 24.82 -13.06
C THR A 395 -21.14 24.77 -11.99
N ASN A 396 -22.31 25.31 -12.32
CA ASN A 396 -23.42 25.26 -11.39
C ASN A 396 -24.59 24.43 -11.89
N ASP A 397 -24.31 23.60 -12.89
CA ASP A 397 -25.29 22.63 -13.38
C ASP A 397 -25.04 21.31 -12.66
N PRO A 398 -26.05 20.83 -11.92
CA PRO A 398 -25.86 19.62 -11.08
C PRO A 398 -25.46 18.39 -11.90
N ALA A 399 -25.97 18.25 -13.12
CA ALA A 399 -25.61 17.10 -13.95
C ALA A 399 -24.14 17.14 -14.38
N GLU A 400 -23.67 18.32 -14.75
CA GLU A 400 -22.25 18.50 -15.09
C GLU A 400 -21.40 18.22 -13.85
N GLN A 401 -21.81 18.77 -12.70
CA GLN A 401 -21.08 18.56 -11.45
C GLN A 401 -20.88 17.08 -11.18
N GLN A 402 -21.96 16.31 -11.31
CA GLN A 402 -21.85 14.88 -11.04
C GLN A 402 -20.97 14.16 -12.04
N ARG A 403 -21.03 14.53 -13.32
CA ARG A 403 -20.15 13.90 -14.31
C ARG A 403 -18.68 14.22 -14.05
N PHE A 404 -18.38 15.48 -13.69
CA PHE A 404 -17.00 15.85 -13.35
C PHE A 404 -16.50 15.05 -12.14
N ILE A 405 -17.31 14.99 -11.08
CA ILE A 405 -16.95 14.22 -9.89
C ILE A 405 -16.68 12.75 -10.22
N GLN A 406 -17.56 12.19 -11.04
CA GLN A 406 -17.48 10.76 -11.36
C GLN A 406 -16.35 10.43 -12.31
N GLU A 407 -16.11 11.31 -13.28
CA GLU A 407 -15.29 10.93 -14.43
C GLU A 407 -13.89 11.55 -14.51
N LEU A 408 -13.62 12.58 -13.73
CA LEU A 408 -12.26 13.11 -13.69
C LEU A 408 -11.35 12.12 -12.98
N ASP A 409 -10.27 11.72 -13.65
CA ASP A 409 -9.40 10.67 -13.14
C ASP A 409 -8.34 11.27 -12.23
N ALA A 410 -8.73 11.52 -10.98
CA ALA A 410 -7.86 12.17 -10.02
C ALA A 410 -8.19 11.65 -8.63
N GLY A 411 -7.27 11.85 -7.68
CA GLY A 411 -7.51 11.47 -6.31
C GLY A 411 -8.42 12.45 -5.59
N ALA A 412 -8.58 13.65 -6.14
CA ALA A 412 -9.40 14.67 -5.51
C ALA A 412 -10.11 15.47 -6.58
N VAL A 413 -11.40 15.69 -6.40
CA VAL A 413 -12.15 16.53 -7.32
C VAL A 413 -12.85 17.62 -6.54
N PHE A 414 -12.55 18.88 -6.86
CA PHE A 414 -13.17 20.00 -6.18
C PHE A 414 -14.10 20.72 -7.15
N ILE A 415 -15.34 20.96 -6.73
CA ILE A 415 -16.28 21.68 -7.58
C ILE A 415 -16.47 23.09 -7.04
N ASN A 416 -16.21 24.07 -7.88
CA ASN A 416 -16.32 25.48 -7.52
C ASN A 416 -15.40 25.91 -6.38
N GLY A 417 -14.23 25.28 -6.32
CA GLY A 417 -13.19 25.71 -5.41
C GLY A 417 -11.87 25.15 -5.90
N MET A 418 -10.76 25.70 -5.42
CA MET A 418 -9.45 25.14 -5.75
C MET A 418 -9.16 23.93 -4.88
N VAL A 419 -8.45 22.95 -5.44
CA VAL A 419 -8.01 21.80 -4.67
C VAL A 419 -7.09 22.26 -3.54
N LYS A 420 -7.36 21.78 -2.33
CA LYS A 420 -6.51 22.05 -1.18
C LYS A 420 -6.42 20.80 -0.32
N SER A 421 -5.32 20.65 0.41
CA SER A 421 -5.26 19.58 1.40
C SER A 421 -5.89 20.11 2.70
N ASP A 422 -6.54 19.21 3.44
CA ASP A 422 -7.23 19.55 4.68
C ASP A 422 -7.08 18.32 5.55
N PRO A 423 -6.59 18.47 6.80
CA PRO A 423 -6.40 17.29 7.66
C PRO A 423 -7.66 16.45 7.82
N ARG A 424 -8.83 17.05 7.64
CA ARG A 424 -10.08 16.34 7.88
C ARG A 424 -10.44 15.34 6.78
N LEU A 425 -9.78 15.46 5.63
CA LEU A 425 -10.11 14.63 4.48
C LEU A 425 -8.85 13.97 3.93
N PRO A 426 -8.93 12.70 3.53
CA PRO A 426 -7.75 12.05 2.94
C PRO A 426 -7.25 12.73 1.67
N PHE A 427 -5.97 12.52 1.36
CA PHE A 427 -5.29 13.21 0.27
C PHE A 427 -4.27 12.30 -0.37
N GLY A 428 -4.32 12.15 -1.68
CA GLY A 428 -3.34 11.35 -2.40
C GLY A 428 -3.67 11.25 -3.87
N GLY A 429 -2.77 10.62 -4.62
CA GLY A 429 -2.90 10.56 -6.07
C GLY A 429 -3.36 9.24 -6.66
N THR A 430 -3.53 9.24 -7.98
CA THR A 430 -3.76 8.03 -8.74
C THR A 430 -2.84 8.10 -9.95
N LYS A 431 -2.82 7.05 -10.76
CA LYS A 431 -1.98 7.02 -11.95
C LYS A 431 -0.52 7.31 -11.56
N ARG A 432 0.19 8.13 -12.33
CA ARG A 432 1.61 8.36 -12.04
C ARG A 432 1.82 9.38 -10.92
N SER A 433 0.73 9.88 -10.35
CA SER A 433 0.84 10.78 -9.19
C SER A 433 1.03 10.02 -7.89
N GLY A 434 0.96 8.69 -7.95
CA GLY A 434 1.23 7.88 -6.78
C GLY A 434 0.04 7.08 -6.29
N TYR A 435 0.11 6.68 -5.02
CA TYR A 435 -0.88 5.80 -4.43
C TYR A 435 -0.80 5.93 -2.92
N GLY A 436 -1.85 5.49 -2.24
CA GLY A 436 -1.90 5.65 -0.80
C GLY A 436 -2.51 6.98 -0.44
N ARG A 437 -2.96 7.11 0.80
CA ARG A 437 -3.64 8.34 1.21
C ARG A 437 -3.07 8.86 2.52
N GLU A 438 -2.82 10.16 2.56
CA GLU A 438 -2.46 10.85 3.79
C GLU A 438 -3.68 11.58 4.34
N LEU A 439 -3.59 12.05 5.58
CA LEU A 439 -4.64 12.84 6.23
C LEU A 439 -5.92 12.04 6.49
N GLY A 440 -6.87 12.66 7.18
CA GLY A 440 -8.07 11.96 7.61
C GLY A 440 -7.74 10.69 8.38
N LEU A 441 -8.66 9.73 8.33
CA LEU A 441 -8.42 8.43 8.96
C LEU A 441 -7.29 7.70 8.27
N ALA A 442 -7.23 7.82 6.94
CA ALA A 442 -6.26 7.09 6.13
C ALA A 442 -4.81 7.33 6.58
N GLY A 443 -4.50 8.58 6.90
CA GLY A 443 -3.15 8.95 7.25
C GLY A 443 -2.59 8.22 8.46
N ILE A 444 -3.45 7.87 9.40
CA ILE A 444 -2.97 7.16 10.60
C ILE A 444 -3.12 5.64 10.45
N ARG A 445 -3.84 5.20 9.42
CA ARG A 445 -4.00 3.77 9.18
C ARG A 445 -2.99 3.18 8.22
N THR A 446 -2.24 4.02 7.51
CA THR A 446 -1.37 3.55 6.45
C THR A 446 -0.23 2.67 6.96
N PHE A 447 0.49 3.16 7.96
CA PHE A 447 1.68 2.46 8.43
C PHE A 447 1.49 1.86 9.81
N VAL A 448 0.39 1.10 9.96
CA VAL A 448 0.17 0.33 11.17
C VAL A 448 -0.06 -1.12 10.79
N ASN A 449 0.20 -2.00 11.74
CA ASN A 449 -0.19 -3.39 11.62
C ASN A 449 -1.64 -3.50 12.05
N ALA A 450 -2.52 -3.77 11.09
CA ALA A 450 -3.90 -4.09 11.40
C ALA A 450 -3.92 -5.57 11.79
N LYS A 451 -3.92 -5.79 13.10
CA LYS A 451 -3.76 -7.13 13.67
C LYS A 451 -5.13 -7.71 13.95
N THR A 452 -5.46 -8.82 13.31
CA THR A 452 -6.73 -9.50 13.58
C THR A 452 -6.57 -10.38 14.81
N VAL A 453 -7.51 -10.27 15.74
CA VAL A 453 -7.45 -11.03 16.99
C VAL A 453 -8.69 -11.89 17.11
N TRP A 454 -8.50 -13.16 17.45
CA TRP A 454 -9.61 -14.09 17.57
C TRP A 454 -9.41 -14.82 18.89
N LEU A 455 -10.38 -14.69 19.79
CA LEU A 455 -10.27 -15.29 21.11
C LEU A 455 -11.42 -16.26 21.30
N LYS A 456 -11.12 -17.54 21.48
CA LYS A 456 -12.17 -18.56 21.64
C LYS A 456 -13.13 -18.19 22.75
N ILE B 5 4.30 -24.87 -18.44
CA ILE B 5 2.92 -24.96 -17.94
C ILE B 5 2.33 -26.33 -18.22
N ALA B 6 1.93 -27.04 -17.16
CA ALA B 6 1.50 -28.42 -17.32
C ALA B 6 0.79 -28.94 -16.08
N THR B 7 -0.13 -29.87 -16.29
CA THR B 7 -0.67 -30.66 -15.20
C THR B 7 0.22 -31.89 -15.05
N ILE B 8 0.92 -31.97 -13.94
CA ILE B 8 1.68 -33.18 -13.59
C ILE B 8 1.15 -33.64 -12.25
N ASN B 9 0.54 -34.83 -12.23
CA ASN B 9 -0.10 -35.37 -11.04
C ASN B 9 0.95 -35.73 -9.98
N PRO B 10 0.92 -35.04 -8.83
CA PRO B 10 1.97 -35.29 -7.84
C PRO B 10 1.80 -36.60 -7.10
N THR B 11 0.66 -37.26 -7.27
CA THR B 11 0.45 -38.56 -6.63
C THR B 11 1.15 -39.67 -7.42
N THR B 12 1.28 -39.46 -8.73
CA THR B 12 1.83 -40.48 -9.63
C THR B 12 3.10 -40.03 -10.33
N GLY B 13 3.31 -38.72 -10.38
CA GLY B 13 4.46 -38.17 -11.07
C GLY B 13 4.23 -38.03 -12.57
N GLU B 14 3.05 -38.40 -13.04
CA GLU B 14 2.80 -38.45 -14.47
C GLU B 14 2.33 -37.12 -15.06
N ILE B 15 2.86 -36.81 -16.23
CA ILE B 15 2.48 -35.62 -17.00
C ILE B 15 1.15 -35.87 -17.70
N CYS B 16 0.12 -35.12 -17.33
CA CYS B 16 -1.23 -35.35 -17.84
C CYS B 16 -1.57 -34.49 -19.05
N GLN B 17 -1.18 -33.22 -18.99
CA GLN B 17 -1.48 -32.29 -20.07
C GLN B 17 -0.48 -31.14 -20.08
N ARG B 18 -0.07 -30.74 -21.28
CA ARG B 18 0.82 -29.59 -21.44
C ARG B 18 0.07 -28.45 -22.08
N PHE B 19 0.40 -27.22 -21.70
CA PHE B 19 -0.25 -26.04 -22.24
C PHE B 19 0.76 -25.08 -22.87
N LYS B 20 0.35 -24.46 -23.97
CA LYS B 20 1.19 -23.46 -24.63
C LYS B 20 1.10 -22.15 -23.88
N ALA B 21 2.23 -21.55 -23.55
CA ALA B 21 2.22 -20.23 -22.94
C ALA B 21 1.79 -19.18 -23.95
N LEU B 22 1.17 -18.12 -23.47
CA LEU B 22 0.85 -16.98 -24.35
C LEU B 22 2.13 -16.32 -24.81
N THR B 23 2.11 -15.76 -26.02
CA THR B 23 3.19 -14.89 -26.46
C THR B 23 2.95 -13.49 -25.95
N PRO B 24 4.00 -12.65 -25.98
CA PRO B 24 3.81 -11.23 -25.62
C PRO B 24 2.73 -10.53 -26.44
N ALA B 25 2.57 -10.87 -27.73
CA ALA B 25 1.51 -10.27 -28.51
C ALA B 25 0.14 -10.71 -27.98
N GLU B 26 0.04 -11.96 -27.56
CA GLU B 26 -1.23 -12.47 -27.04
C GLU B 26 -1.54 -11.85 -25.69
N ILE B 27 -0.51 -11.65 -24.88
CA ILE B 27 -0.66 -10.95 -23.60
C ILE B 27 -1.15 -9.52 -23.83
N ASP B 28 -0.53 -8.84 -24.78
CA ASP B 28 -0.92 -7.48 -25.13
C ASP B 28 -2.39 -7.43 -25.56
N ALA B 29 -2.82 -8.42 -26.35
CA ALA B 29 -4.21 -8.45 -26.81
C ALA B 29 -5.16 -8.64 -25.64
N LYS B 30 -4.77 -9.46 -24.67
CA LYS B 30 -5.61 -9.64 -23.49
C LYS B 30 -5.71 -8.36 -22.68
N LEU B 31 -4.62 -7.61 -22.59
CA LEU B 31 -4.64 -6.35 -21.84
C LEU B 31 -5.47 -5.29 -22.56
N ALA B 32 -5.40 -5.26 -23.88
CA ALA B 32 -6.25 -4.37 -24.66
C ALA B 32 -7.71 -4.71 -24.43
N LYS B 33 -8.04 -5.99 -24.39
CA LYS B 33 -9.44 -6.37 -24.17
C LYS B 33 -9.90 -6.02 -22.75
N ALA B 34 -9.02 -6.25 -21.77
CA ALA B 34 -9.33 -5.90 -20.39
C ALA B 34 -9.61 -4.40 -20.25
N GLN B 35 -8.85 -3.58 -20.95
CA GLN B 35 -9.04 -2.13 -20.87
C GLN B 35 -10.38 -1.71 -21.46
N GLU B 36 -10.73 -2.31 -22.59
CA GLU B 36 -12.02 -2.03 -23.21
C GLU B 36 -13.13 -2.52 -22.29
N ALA B 37 -12.93 -3.68 -21.68
CA ALA B 37 -13.97 -4.25 -20.82
C ALA B 37 -14.14 -3.38 -19.60
N PHE B 38 -13.03 -2.86 -19.08
CA PHE B 38 -13.08 -2.00 -17.90
C PHE B 38 -13.91 -0.74 -18.15
N GLN B 39 -13.79 -0.17 -19.35
CA GLN B 39 -14.48 1.09 -19.62
C GLN B 39 -15.98 0.93 -19.49
N ALA B 40 -16.48 -0.24 -19.86
CA ALA B 40 -17.90 -0.56 -19.72
C ALA B 40 -18.22 -1.08 -18.33
N TYR B 41 -17.35 -1.93 -17.79
CA TYR B 41 -17.63 -2.59 -16.53
C TYR B 41 -17.66 -1.61 -15.35
N ARG B 42 -16.84 -0.55 -15.42
CA ARG B 42 -16.82 0.42 -14.33
C ARG B 42 -18.18 1.14 -14.25
N ARG B 43 -18.98 1.03 -15.31
CA ARG B 43 -20.28 1.70 -15.35
C ARG B 43 -21.42 0.80 -14.91
N THR B 44 -21.14 -0.49 -14.67
CA THR B 44 -22.19 -1.41 -14.25
C THR B 44 -22.70 -1.06 -12.87
N SER B 45 -23.93 -1.45 -12.57
CA SER B 45 -24.47 -1.21 -11.25
C SER B 45 -23.98 -2.29 -10.31
N PHE B 46 -23.96 -1.99 -9.03
CA PHE B 46 -23.68 -3.02 -8.02
C PHE B 46 -24.64 -4.20 -8.15
N SER B 47 -25.88 -3.94 -8.58
CA SER B 47 -26.84 -5.04 -8.69
C SER B 47 -26.40 -6.07 -9.72
N GLN B 48 -25.85 -5.62 -10.85
CA GLN B 48 -25.33 -6.54 -11.86
C GLN B 48 -24.12 -7.29 -11.33
N ARG B 49 -23.17 -6.57 -10.75
CA ARG B 49 -21.98 -7.22 -10.21
C ARG B 49 -22.33 -8.26 -9.14
N ARG B 50 -23.31 -7.92 -8.31
CA ARG B 50 -23.72 -8.81 -7.23
C ARG B 50 -24.38 -10.07 -7.79
N GLN B 51 -25.19 -9.89 -8.83
CA GLN B 51 -25.84 -11.03 -9.49
C GLN B 51 -24.80 -12.01 -10.02
N TRP B 52 -23.82 -11.49 -10.74
CA TRP B 52 -22.79 -12.34 -11.33
C TRP B 52 -21.93 -13.02 -10.24
N LEU B 53 -21.63 -12.29 -9.16
CA LEU B 53 -20.84 -12.85 -8.06
C LEU B 53 -21.62 -13.94 -7.32
N GLU B 54 -22.92 -13.72 -7.11
CA GLU B 54 -23.74 -14.76 -6.50
C GLU B 54 -23.92 -15.96 -7.44
N ASN B 55 -24.01 -15.70 -8.74
CA ASN B 55 -24.04 -16.81 -9.69
C ASN B 55 -22.78 -17.67 -9.61
N ALA B 56 -21.63 -17.00 -9.45
CA ALA B 56 -20.36 -17.70 -9.30
C ALA B 56 -20.37 -18.56 -8.04
N ALA B 57 -20.87 -17.99 -6.94
CA ALA B 57 -20.95 -18.77 -5.70
C ALA B 57 -21.81 -20.01 -5.92
N ALA B 58 -22.94 -19.85 -6.58
CA ALA B 58 -23.85 -20.98 -6.81
C ALA B 58 -23.23 -22.09 -7.68
N ILE B 59 -22.43 -21.70 -8.66
CA ILE B 59 -21.69 -22.66 -9.48
C ILE B 59 -20.70 -23.44 -8.63
N LEU B 60 -19.93 -22.71 -7.82
CA LEU B 60 -18.99 -23.35 -6.89
C LEU B 60 -19.71 -24.29 -5.91
N GLU B 61 -20.86 -23.87 -5.40
CA GLU B 61 -21.62 -24.69 -4.45
C GLU B 61 -22.22 -25.96 -5.07
N ARG B 62 -22.59 -25.90 -6.34
CA ARG B 62 -23.22 -27.05 -7.00
C ARG B 62 -22.19 -28.10 -7.37
N ASP B 63 -21.05 -27.64 -7.88
CA ASP B 63 -20.05 -28.55 -8.42
C ASP B 63 -18.75 -28.66 -7.59
N THR B 64 -18.86 -28.54 -6.26
CA THR B 64 -17.67 -28.57 -5.40
C THR B 64 -16.80 -29.78 -5.65
N SER B 65 -17.44 -30.94 -5.80
CA SER B 65 -16.69 -32.18 -5.96
C SER B 65 -15.86 -32.21 -7.24
N LYS B 66 -16.42 -31.75 -8.36
CA LYS B 66 -15.68 -31.72 -9.61
C LYS B 66 -14.53 -30.74 -9.54
N PHE B 67 -14.77 -29.55 -9.00
CA PHE B 67 -13.72 -28.56 -8.91
C PHE B 67 -12.62 -29.07 -7.98
N ALA B 68 -13.04 -29.70 -6.88
CA ALA B 68 -12.07 -30.26 -5.95
C ALA B 68 -11.21 -31.33 -6.63
N GLU B 69 -11.80 -32.11 -7.52
CA GLU B 69 -11.04 -33.12 -8.23
C GLU B 69 -9.94 -32.50 -9.09
N ILE B 70 -10.22 -31.34 -9.68
CA ILE B 70 -9.19 -30.66 -10.46
C ILE B 70 -8.04 -30.23 -9.56
N MET B 71 -8.36 -29.63 -8.42
CA MET B 71 -7.36 -29.21 -7.45
C MET B 71 -6.48 -30.39 -7.03
N THR B 72 -7.13 -31.47 -6.62
CA THR B 72 -6.42 -32.67 -6.13
C THR B 72 -5.52 -33.28 -7.21
N THR B 73 -6.03 -33.37 -8.43
CA THR B 73 -5.25 -33.93 -9.53
C THR B 73 -4.01 -33.10 -9.81
N GLU B 74 -4.16 -31.78 -9.78
CA GLU B 74 -3.05 -30.92 -10.16
C GLU B 74 -2.01 -30.69 -9.05
N MET B 75 -2.46 -30.55 -7.81
CA MET B 75 -1.53 -30.15 -6.75
C MET B 75 -1.56 -30.98 -5.47
N GLY B 76 -2.39 -32.02 -5.44
CA GLY B 76 -2.27 -33.07 -4.44
C GLY B 76 -2.91 -32.90 -3.08
N LYS B 77 -3.62 -31.79 -2.84
CA LYS B 77 -4.32 -31.65 -1.57
C LYS B 77 -5.47 -32.65 -1.54
N THR B 78 -5.90 -33.07 -0.35
CA THR B 78 -6.95 -34.08 -0.26
C THR B 78 -8.22 -33.58 -0.92
N HIS B 79 -8.98 -34.52 -1.47
CA HIS B 79 -10.21 -34.15 -2.17
C HIS B 79 -11.19 -33.51 -1.20
N GLN B 80 -11.22 -34.02 0.03
CA GLN B 80 -12.12 -33.47 1.03
C GLN B 80 -11.75 -32.03 1.44
N SER B 81 -10.47 -31.73 1.55
CA SER B 81 -10.07 -30.36 1.86
C SER B 81 -10.23 -29.46 0.63
N ALA B 82 -10.19 -30.05 -0.56
CA ALA B 82 -10.40 -29.26 -1.77
C ALA B 82 -11.88 -28.93 -1.92
N ILE B 83 -12.74 -29.83 -1.43
CA ILE B 83 -14.17 -29.54 -1.35
C ILE B 83 -14.40 -28.35 -0.44
N ALA B 84 -13.77 -28.38 0.74
CA ALA B 84 -13.87 -27.26 1.66
C ALA B 84 -13.36 -25.97 1.02
N GLU B 85 -12.30 -26.08 0.22
CA GLU B 85 -11.74 -24.90 -0.44
C GLU B 85 -12.73 -24.31 -1.44
N ALA B 86 -13.41 -25.17 -2.19
CA ALA B 86 -14.42 -24.70 -3.12
C ALA B 86 -15.56 -24.01 -2.36
N GLU B 87 -15.96 -24.61 -1.24
CA GLU B 87 -17.01 -24.02 -0.41
C GLU B 87 -16.61 -22.65 0.12
N LYS B 88 -15.35 -22.51 0.54
CA LYS B 88 -14.87 -21.25 1.10
C LYS B 88 -14.78 -20.19 -0.01
N SER B 89 -14.46 -20.63 -1.22
CA SER B 89 -14.45 -19.73 -2.37
C SER B 89 -15.83 -19.18 -2.64
N ALA B 90 -16.86 -20.04 -2.55
CA ALA B 90 -18.23 -19.57 -2.71
C ALA B 90 -18.56 -18.56 -1.61
N LEU B 91 -18.08 -18.85 -0.39
CA LEU B 91 -18.36 -18.00 0.76
C LEU B 91 -17.83 -16.57 0.59
N VAL B 92 -16.61 -16.42 0.05
CA VAL B 92 -16.07 -15.07 -0.11
C VAL B 92 -16.74 -14.33 -1.27
N CYS B 93 -17.24 -15.07 -2.27
CA CYS B 93 -18.05 -14.46 -3.32
C CYS B 93 -19.32 -13.88 -2.70
N ARG B 94 -19.98 -14.67 -1.87
CA ARG B 94 -21.22 -14.20 -1.22
C ARG B 94 -20.95 -13.05 -0.25
N TYR B 95 -19.83 -13.11 0.46
CA TYR B 95 -19.48 -12.02 1.38
C TYR B 95 -19.42 -10.66 0.69
N TYR B 96 -18.69 -10.58 -0.41
CA TYR B 96 -18.60 -9.30 -1.12
C TYR B 96 -19.86 -8.94 -1.90
N ALA B 97 -20.62 -9.94 -2.31
CA ALA B 97 -21.93 -9.67 -2.91
C ALA B 97 -22.81 -9.00 -1.87
N GLU B 98 -22.73 -9.49 -0.64
CA GLU B 98 -23.61 -9.04 0.43
C GLU B 98 -23.17 -7.74 1.10
N HIS B 99 -21.87 -7.44 1.06
CA HIS B 99 -21.35 -6.27 1.79
C HIS B 99 -20.66 -5.21 0.94
N GLY B 100 -20.27 -5.57 -0.28
CA GLY B 100 -19.40 -4.71 -1.08
C GLY B 100 -19.90 -3.30 -1.38
N GLU B 101 -21.18 -3.18 -1.70
CA GLU B 101 -21.74 -1.86 -2.00
C GLU B 101 -21.68 -0.97 -0.77
N GLN B 102 -22.10 -1.52 0.38
CA GLN B 102 -22.04 -0.77 1.63
C GLN B 102 -20.61 -0.36 1.95
N PHE B 103 -19.68 -1.29 1.72
CA PHE B 103 -18.27 -1.07 2.02
C PHE B 103 -17.65 0.02 1.14
N LEU B 104 -18.28 0.31 0.01
CA LEU B 104 -17.76 1.32 -0.92
C LEU B 104 -18.62 2.59 -0.95
N ALA B 105 -19.54 2.70 -0.01
CA ALA B 105 -20.47 3.84 0.02
C ALA B 105 -19.73 5.13 0.35
N ASN B 106 -20.26 6.25 -0.13
CA ASN B 106 -19.67 7.55 0.18
C ASN B 106 -19.56 7.73 1.68
N GLU B 107 -18.45 8.29 2.13
CA GLU B 107 -18.28 8.63 3.54
C GLU B 107 -18.16 10.14 3.69
N TYR B 108 -19.15 10.76 4.33
CA TYR B 108 -19.22 12.21 4.43
C TYR B 108 -18.52 12.75 5.66
N THR B 109 -17.92 13.92 5.50
CA THR B 109 -17.23 14.59 6.59
C THR B 109 -17.64 16.05 6.54
N GLU B 110 -17.95 16.63 7.69
CA GLU B 110 -18.33 18.04 7.75
C GLU B 110 -17.15 18.98 7.55
N THR B 111 -17.28 19.89 6.59
CA THR B 111 -16.33 20.98 6.40
C THR B 111 -17.18 22.20 6.03
N GLN B 112 -16.55 23.24 5.53
CA GLN B 112 -17.33 24.39 5.07
C GLN B 112 -17.95 24.14 3.70
N ALA B 113 -17.61 23.02 3.07
CA ALA B 113 -18.23 22.63 1.81
C ALA B 113 -19.71 22.37 2.04
N THR B 114 -20.52 22.57 1.01
CA THR B 114 -21.90 22.10 1.02
C THR B 114 -21.89 20.58 1.12
N GLU B 115 -20.98 19.96 0.37
CA GLU B 115 -20.77 18.52 0.42
C GLU B 115 -19.29 18.20 0.36
N SER B 116 -18.81 17.43 1.32
CA SER B 116 -17.45 16.92 1.23
C SER B 116 -17.46 15.48 1.69
N TYR B 117 -16.83 14.62 0.90
CA TYR B 117 -16.87 13.19 1.18
C TYR B 117 -15.77 12.46 0.46
N VAL B 118 -15.57 11.19 0.83
CA VAL B 118 -14.74 10.30 0.04
C VAL B 118 -15.66 9.31 -0.67
N CYS B 119 -15.44 9.13 -1.97
CA CYS B 119 -16.13 8.06 -2.68
C CYS B 119 -15.08 7.06 -3.15
N TYR B 120 -15.52 5.90 -3.62
CA TYR B 120 -14.58 4.84 -3.93
C TYR B 120 -14.82 4.33 -5.33
N GLN B 121 -13.80 4.45 -6.18
CA GLN B 121 -13.94 4.07 -7.57
C GLN B 121 -12.85 3.10 -7.97
N PRO B 122 -13.12 2.24 -8.96
CA PRO B 122 -12.10 1.25 -9.32
C PRO B 122 -10.88 1.88 -9.99
N LEU B 123 -9.74 1.21 -9.83
CA LEU B 123 -8.49 1.66 -10.46
C LEU B 123 -8.38 1.27 -11.94
N GLY B 124 -8.89 0.09 -12.30
CA GLY B 124 -8.72 -0.41 -13.65
C GLY B 124 -8.29 -1.87 -13.65
N ILE B 125 -7.31 -2.21 -14.49
CA ILE B 125 -6.81 -3.58 -14.58
C ILE B 125 -5.90 -3.90 -13.40
N LEU B 126 -6.25 -4.94 -12.65
CA LEU B 126 -5.40 -5.44 -11.58
C LEU B 126 -4.75 -6.72 -12.03
N LEU B 127 -3.45 -6.83 -11.81
CA LEU B 127 -2.75 -8.11 -12.01
C LEU B 127 -2.71 -8.86 -10.69
N ALA B 128 -3.08 -10.13 -10.73
CA ALA B 128 -2.94 -11.01 -9.58
C ALA B 128 -2.00 -12.15 -9.95
N VAL B 129 -0.98 -12.35 -9.11
CA VAL B 129 -0.09 -13.50 -9.26
C VAL B 129 -0.38 -14.43 -8.08
N MET B 130 -0.88 -15.63 -8.36
CA MET B 130 -1.37 -16.52 -7.31
C MET B 130 -0.57 -17.82 -7.27
N PRO B 131 -0.58 -18.49 -6.10
CA PRO B 131 0.22 -19.69 -5.88
C PRO B 131 -0.61 -20.98 -5.95
N TRP B 132 0.07 -22.12 -6.07
CA TRP B 132 -0.61 -23.40 -6.25
C TRP B 132 -1.27 -23.99 -5.00
N ASN B 133 -0.94 -23.47 -3.81
CA ASN B 133 -1.35 -24.16 -2.59
C ASN B 133 -2.84 -24.07 -2.24
N PHE B 134 -3.48 -22.96 -2.60
CA PHE B 134 -4.93 -22.83 -2.49
C PHE B 134 -5.39 -22.27 -3.82
N PRO B 135 -5.45 -23.13 -4.84
CA PRO B 135 -5.55 -22.63 -6.22
C PRO B 135 -6.91 -22.05 -6.57
N PHE B 136 -7.95 -22.35 -5.79
CA PHE B 136 -9.24 -21.68 -5.98
C PHE B 136 -9.42 -20.55 -4.97
N TRP B 137 -9.21 -20.87 -3.69
CA TRP B 137 -9.51 -19.91 -2.63
C TRP B 137 -8.71 -18.61 -2.72
N GLN B 138 -7.40 -18.72 -2.98
CA GLN B 138 -6.57 -17.52 -3.09
C GLN B 138 -7.07 -16.63 -4.23
N VAL B 139 -7.54 -17.25 -5.30
CA VAL B 139 -8.00 -16.49 -6.45
C VAL B 139 -9.32 -15.79 -6.16
N PHE B 140 -10.27 -16.53 -5.59
CA PHE B 140 -11.58 -15.94 -5.30
C PHE B 140 -11.49 -14.90 -4.20
N ARG B 141 -10.56 -15.10 -3.28
CA ARG B 141 -10.27 -14.13 -2.21
C ARG B 141 -9.93 -12.75 -2.77
N PHE B 142 -9.20 -12.73 -3.88
CA PHE B 142 -8.85 -11.49 -4.57
C PHE B 142 -9.95 -11.05 -5.55
N ALA B 143 -10.49 -12.03 -6.26
CA ALA B 143 -11.37 -11.72 -7.39
C ALA B 143 -12.73 -11.20 -6.98
N ALA B 144 -13.33 -11.76 -5.94
CA ALA B 144 -14.64 -11.28 -5.51
C ALA B 144 -14.65 -9.78 -5.15
N PRO B 145 -13.72 -9.33 -4.29
CA PRO B 145 -13.82 -7.88 -4.03
C PRO B 145 -13.39 -7.05 -5.23
N ALA B 146 -12.41 -7.53 -5.99
CA ALA B 146 -11.98 -6.81 -7.18
C ALA B 146 -13.14 -6.56 -8.14
N LEU B 147 -13.91 -7.60 -8.40
CA LEU B 147 -15.01 -7.49 -9.36
C LEU B 147 -16.18 -6.71 -8.77
N MET B 148 -16.45 -6.89 -7.48
CA MET B 148 -17.52 -6.12 -6.87
C MET B 148 -17.21 -4.62 -6.89
N ALA B 149 -15.92 -4.29 -6.84
CA ALA B 149 -15.48 -2.89 -6.83
C ALA B 149 -15.46 -2.25 -8.22
N GLY B 150 -15.59 -3.07 -9.26
CA GLY B 150 -15.60 -2.54 -10.61
C GLY B 150 -14.25 -2.58 -11.32
N ASN B 151 -13.25 -3.19 -10.68
CA ASN B 151 -11.99 -3.44 -11.35
C ASN B 151 -12.14 -4.58 -12.34
N VAL B 152 -11.20 -4.71 -13.27
CA VAL B 152 -11.08 -5.95 -14.03
C VAL B 152 -9.75 -6.60 -13.62
N ALA B 153 -9.58 -7.89 -13.95
CA ALA B 153 -8.42 -8.62 -13.42
C ALA B 153 -7.78 -9.51 -14.45
N VAL B 154 -6.45 -9.57 -14.43
CA VAL B 154 -5.75 -10.62 -15.17
C VAL B 154 -5.01 -11.47 -14.15
N LEU B 155 -5.12 -12.78 -14.30
CA LEU B 155 -4.55 -13.71 -13.35
C LEU B 155 -3.35 -14.43 -13.94
N LYS B 156 -2.20 -14.36 -13.28
CA LYS B 156 -1.11 -15.28 -13.57
C LYS B 156 -1.08 -16.29 -12.44
N HIS B 157 -1.58 -17.48 -12.69
CA HIS B 157 -1.58 -18.53 -11.67
C HIS B 157 -0.28 -19.31 -11.73
N ALA B 158 -0.06 -20.17 -10.74
CA ALA B 158 1.13 -21.01 -10.75
C ALA B 158 1.13 -21.90 -11.98
N SER B 159 2.31 -22.17 -12.53
CA SER B 159 2.41 -22.95 -13.77
C SER B 159 1.99 -24.41 -13.66
N ASN B 160 1.86 -24.92 -12.44
CA ASN B 160 1.45 -26.30 -12.22
C ASN B 160 -0.04 -26.46 -11.92
N VAL B 161 -0.79 -25.36 -11.91
CA VAL B 161 -2.25 -25.47 -11.80
C VAL B 161 -3.00 -24.81 -12.97
N PRO B 162 -2.62 -25.13 -14.22
CA PRO B 162 -3.32 -24.46 -15.32
C PRO B 162 -4.80 -24.84 -15.42
N GLN B 163 -5.18 -26.08 -15.11
CA GLN B 163 -6.59 -26.44 -15.20
C GLN B 163 -7.42 -25.69 -14.16
N CYS B 164 -6.86 -25.52 -12.96
CA CYS B 164 -7.53 -24.70 -11.94
C CYS B 164 -7.71 -23.27 -12.43
N ALA B 165 -6.65 -22.71 -13.01
CA ALA B 165 -6.66 -21.33 -13.50
C ALA B 165 -7.71 -21.16 -14.58
N LEU B 166 -7.78 -22.13 -15.49
CA LEU B 166 -8.78 -22.08 -16.55
C LEU B 166 -10.20 -22.27 -16.01
N ALA B 167 -10.35 -23.14 -15.01
CA ALA B 167 -11.66 -23.38 -14.40
C ALA B 167 -12.21 -22.13 -13.72
N VAL B 168 -11.34 -21.37 -13.05
CA VAL B 168 -11.80 -20.13 -12.41
C VAL B 168 -12.37 -19.15 -13.44
N GLU B 169 -11.66 -18.94 -14.54
CA GLU B 169 -12.18 -18.08 -15.59
C GLU B 169 -13.49 -18.63 -16.11
N ALA B 170 -13.56 -19.94 -16.31
CA ALA B 170 -14.77 -20.58 -16.83
C ALA B 170 -15.96 -20.36 -15.90
N ILE B 171 -15.73 -20.46 -14.60
CA ILE B 171 -16.79 -20.21 -13.62
C ILE B 171 -17.30 -18.79 -13.75
N LEU B 172 -16.39 -17.82 -13.86
CA LEU B 172 -16.78 -16.41 -13.93
C LEU B 172 -17.49 -16.09 -15.25
N GLU B 173 -17.10 -16.76 -16.33
CA GLU B 173 -17.82 -16.62 -17.61
C GLU B 173 -19.25 -17.14 -17.48
N ALA B 174 -19.38 -18.34 -16.92
CA ALA B 174 -20.70 -18.98 -16.80
C ALA B 174 -21.61 -18.19 -15.87
N ALA B 175 -21.01 -17.51 -14.89
CA ALA B 175 -21.75 -16.70 -13.94
C ALA B 175 -22.35 -15.47 -14.62
N GLY B 176 -21.72 -15.05 -15.71
CA GLY B 176 -22.22 -13.90 -16.45
C GLY B 176 -21.31 -12.68 -16.51
N PHE B 177 -20.13 -12.75 -15.91
CA PHE B 177 -19.22 -11.59 -15.98
C PHE B 177 -18.81 -11.38 -17.43
N PRO B 178 -18.94 -10.13 -17.91
CA PRO B 178 -18.63 -9.84 -19.32
C PRO B 178 -17.19 -10.22 -19.70
N GLU B 179 -17.02 -10.54 -20.97
CA GLU B 179 -15.71 -10.91 -21.49
C GLU B 179 -14.68 -9.82 -21.23
N GLY B 180 -13.51 -10.21 -20.72
CA GLY B 180 -12.44 -9.26 -20.45
C GLY B 180 -12.43 -8.75 -19.02
N VAL B 181 -13.49 -9.02 -18.29
CA VAL B 181 -13.53 -8.60 -16.88
C VAL B 181 -12.61 -9.45 -16.02
N PHE B 182 -12.48 -10.74 -16.36
CA PHE B 182 -11.50 -11.61 -15.71
C PHE B 182 -10.85 -12.50 -16.75
N GLN B 183 -9.52 -12.52 -16.79
CA GLN B 183 -8.83 -13.34 -17.76
C GLN B 183 -7.68 -14.08 -17.12
N THR B 184 -7.65 -15.38 -17.33
CA THR B 184 -6.53 -16.20 -16.91
C THR B 184 -5.44 -16.11 -17.96
N LEU B 185 -4.22 -15.77 -17.53
CA LEU B 185 -3.09 -15.73 -18.44
C LEU B 185 -2.24 -16.98 -18.25
N LEU B 186 -2.23 -17.87 -19.24
CA LEU B 186 -1.36 -19.03 -19.19
C LEU B 186 0.04 -18.57 -19.53
N ILE B 187 0.72 -18.01 -18.53
CA ILE B 187 2.07 -17.48 -18.72
C ILE B 187 2.97 -17.90 -17.57
N GLY B 188 4.28 -17.88 -17.83
CA GLY B 188 5.24 -18.23 -16.82
C GLY B 188 5.74 -17.01 -16.05
N ALA B 189 6.54 -17.27 -15.02
CA ALA B 189 7.07 -16.22 -14.16
C ALA B 189 7.78 -15.13 -14.94
N SER B 190 8.57 -15.51 -15.95
CA SER B 190 9.35 -14.55 -16.72
C SER B 190 8.48 -13.57 -17.52
N GLN B 191 7.20 -13.89 -17.66
CA GLN B 191 6.33 -13.08 -18.52
C GLN B 191 5.54 -12.04 -17.72
N VAL B 192 5.65 -12.12 -16.40
CA VAL B 192 4.94 -11.16 -15.54
C VAL B 192 5.43 -9.72 -15.69
N GLU B 193 6.72 -9.53 -15.92
CA GLU B 193 7.27 -8.18 -16.06
C GLU B 193 6.55 -7.38 -17.15
N GLN B 194 6.24 -8.01 -18.27
CA GLN B 194 5.51 -7.31 -19.32
C GLN B 194 4.17 -6.77 -18.82
N VAL B 195 3.47 -7.58 -18.03
CA VAL B 195 2.16 -7.17 -17.51
C VAL B 195 2.30 -5.98 -16.54
N ILE B 196 3.24 -6.08 -15.60
CA ILE B 196 3.44 -4.99 -14.63
C ILE B 196 3.82 -3.68 -15.32
N LYS B 197 4.58 -3.80 -16.41
CA LYS B 197 5.06 -2.60 -17.11
C LYS B 197 4.07 -2.01 -18.10
N ASP B 198 2.97 -2.72 -18.34
CA ASP B 198 1.99 -2.22 -19.29
C ASP B 198 1.23 -1.05 -18.69
N PRO B 199 1.07 0.04 -19.45
CA PRO B 199 0.48 1.26 -18.88
C PRO B 199 -0.97 1.07 -18.45
N ARG B 200 -1.66 0.07 -19.00
CA ARG B 200 -3.07 -0.15 -18.68
C ARG B 200 -3.22 -0.89 -17.35
N VAL B 201 -2.17 -1.57 -16.91
CA VAL B 201 -2.21 -2.27 -15.64
C VAL B 201 -1.91 -1.30 -14.50
N LYS B 202 -2.82 -1.20 -13.53
CA LYS B 202 -2.75 -0.10 -12.56
C LYS B 202 -2.27 -0.53 -11.19
N ALA B 203 -2.34 -1.83 -10.93
CA ALA B 203 -1.95 -2.35 -9.62
C ALA B 203 -1.65 -3.84 -9.69
N ALA B 204 -0.98 -4.38 -8.68
CA ALA B 204 -0.69 -5.80 -8.69
C ALA B 204 -0.72 -6.40 -7.29
N THR B 205 -1.20 -7.63 -7.17
CA THR B 205 -1.21 -8.30 -5.88
C THR B 205 -0.53 -9.66 -6.08
N LEU B 206 0.22 -10.10 -5.08
CA LEU B 206 0.86 -11.41 -5.17
C LEU B 206 0.76 -12.14 -3.87
N THR B 207 0.35 -13.40 -3.96
CA THR B 207 0.40 -14.32 -2.83
C THR B 207 1.36 -15.42 -3.24
N GLY B 208 2.25 -15.81 -2.34
CA GLY B 208 3.29 -16.77 -2.69
C GLY B 208 4.55 -16.63 -1.85
N SER B 209 5.70 -16.74 -2.50
CA SER B 209 6.98 -16.77 -1.79
C SER B 209 7.72 -15.46 -1.99
N GLU B 210 8.76 -15.25 -1.18
CA GLU B 210 9.50 -13.98 -1.23
C GLU B 210 10.19 -13.62 -2.55
N PRO B 211 10.89 -14.57 -3.20
CA PRO B 211 11.53 -14.17 -4.45
C PRO B 211 10.54 -13.63 -5.49
N ALA B 212 9.40 -14.29 -5.65
CA ALA B 212 8.37 -13.81 -6.57
C ALA B 212 7.80 -12.47 -6.12
N GLY B 213 7.55 -12.35 -4.82
CA GLY B 213 6.99 -11.14 -4.27
C GLY B 213 7.94 -9.96 -4.41
N ALA B 214 9.22 -10.20 -4.14
CA ALA B 214 10.23 -9.14 -4.26
C ALA B 214 10.36 -8.65 -5.70
N SER B 215 10.32 -9.59 -6.64
CA SER B 215 10.36 -9.23 -8.06
C SER B 215 9.17 -8.37 -8.46
N LEU B 216 7.97 -8.85 -8.16
CA LEU B 216 6.75 -8.12 -8.53
C LEU B 216 6.72 -6.76 -7.86
N ALA B 217 7.04 -6.71 -6.58
CA ALA B 217 6.92 -5.44 -5.85
C ALA B 217 7.97 -4.46 -6.33
N SER B 218 9.17 -4.93 -6.63
CA SER B 218 10.22 -4.01 -7.06
C SER B 218 9.90 -3.46 -8.45
N LEU B 219 9.39 -4.31 -9.33
CA LEU B 219 9.01 -3.85 -10.67
C LEU B 219 7.85 -2.88 -10.59
N ALA B 220 6.88 -3.19 -9.73
CA ALA B 220 5.70 -2.33 -9.62
C ALA B 220 6.09 -0.97 -9.04
N GLY B 221 7.02 -1.00 -8.10
CA GLY B 221 7.51 0.22 -7.49
C GLY B 221 8.14 1.15 -8.51
N GLN B 222 8.94 0.59 -9.41
CA GLN B 222 9.56 1.39 -10.46
C GLN B 222 8.49 2.04 -11.34
N GLU B 223 7.35 1.35 -11.48
CA GLU B 223 6.28 1.87 -12.33
C GLU B 223 5.24 2.71 -11.59
N ILE B 224 5.52 3.02 -10.32
CA ILE B 224 4.63 3.81 -9.46
C ILE B 224 3.25 3.17 -9.34
N LYS B 225 3.23 1.87 -9.04
CA LYS B 225 1.97 1.14 -8.92
C LYS B 225 1.85 0.45 -7.56
N PRO B 226 0.65 0.53 -6.96
CA PRO B 226 0.47 -0.05 -5.63
C PRO B 226 0.42 -1.57 -5.65
N THR B 227 0.85 -2.19 -4.56
CA THR B 227 0.83 -3.64 -4.44
C THR B 227 0.30 -4.10 -3.09
N LEU B 228 -0.02 -5.38 -3.04
CA LEU B 228 -0.31 -6.07 -1.79
C LEU B 228 0.46 -7.38 -1.87
N LEU B 229 1.14 -7.75 -0.80
CA LEU B 229 1.90 -9.00 -0.78
C LEU B 229 1.49 -9.85 0.42
N GLU B 230 1.16 -11.10 0.13
CA GLU B 230 0.91 -12.09 1.18
C GLU B 230 1.91 -13.21 0.94
N LEU B 231 2.93 -13.28 1.78
CA LEU B 231 4.00 -14.25 1.57
C LEU B 231 3.99 -15.33 2.64
N GLY B 232 5.13 -15.97 2.86
CA GLY B 232 5.19 -17.08 3.80
C GLY B 232 5.21 -16.69 5.26
N GLY B 233 5.16 -17.69 6.12
CA GLY B 233 5.25 -17.48 7.55
C GLY B 233 5.96 -18.62 8.25
N SER B 234 6.31 -18.42 9.50
CA SER B 234 6.75 -19.53 10.33
C SER B 234 6.01 -19.36 11.64
N ASP B 235 4.69 -19.51 11.58
CA ASP B 235 3.82 -19.13 12.68
C ASP B 235 4.07 -19.95 13.93
N PRO B 236 4.14 -19.28 15.09
CA PRO B 236 4.30 -20.01 16.34
C PRO B 236 2.97 -20.59 16.79
N PHE B 237 3.03 -21.69 17.53
CA PHE B 237 1.86 -22.30 18.12
C PHE B 237 2.32 -22.50 19.56
N VAL B 238 1.90 -21.59 20.44
CA VAL B 238 2.41 -21.55 21.80
C VAL B 238 1.44 -22.20 22.77
N VAL B 239 1.92 -23.13 23.57
CA VAL B 239 1.03 -23.85 24.48
C VAL B 239 1.52 -23.70 25.91
N PHE B 240 0.68 -23.09 26.75
CA PHE B 240 1.06 -22.77 28.13
C PHE B 240 0.31 -23.63 29.16
N PRO B 241 0.72 -23.59 30.45
CA PRO B 241 0.22 -24.63 31.36
C PRO B 241 -1.30 -24.66 31.63
N SER B 242 -2.02 -23.56 31.41
CA SER B 242 -3.45 -23.57 31.66
C SER B 242 -4.25 -23.98 30.42
N ALA B 243 -3.57 -24.34 29.34
CA ALA B 243 -4.24 -24.75 28.11
C ALA B 243 -5.01 -26.05 28.26
N ASP B 244 -6.03 -26.24 27.44
CA ASP B 244 -6.66 -27.55 27.26
C ASP B 244 -5.72 -28.32 26.35
N LEU B 245 -4.90 -29.17 26.95
CA LEU B 245 -3.81 -29.83 26.25
C LEU B 245 -4.28 -30.73 25.11
N ASP B 246 -5.34 -31.52 25.35
CA ASP B 246 -5.82 -32.42 24.32
C ASP B 246 -6.39 -31.66 23.13
N GLU B 247 -7.11 -30.57 23.38
CA GLU B 247 -7.60 -29.74 22.28
C GLU B 247 -6.44 -29.13 21.52
N ALA B 248 -5.42 -28.66 22.26
CA ALA B 248 -4.28 -28.02 21.61
C ALA B 248 -3.49 -29.00 20.75
N VAL B 249 -3.36 -30.25 21.19
CA VAL B 249 -2.71 -31.28 20.38
C VAL B 249 -3.50 -31.62 19.12
N GLU B 250 -4.81 -31.81 19.27
CA GLU B 250 -5.70 -32.08 18.14
C GLU B 250 -5.63 -30.95 17.13
N VAL B 251 -5.84 -29.73 17.60
CA VAL B 251 -5.90 -28.57 16.71
C VAL B 251 -4.52 -28.26 16.12
N GLY B 252 -3.48 -28.38 16.94
CA GLY B 252 -2.12 -28.18 16.46
C GLY B 252 -1.74 -29.14 15.36
N THR B 253 -2.19 -30.38 15.47
CA THR B 253 -1.91 -31.38 14.44
C THR B 253 -2.55 -30.96 13.13
N VAL B 254 -3.81 -30.54 13.19
CA VAL B 254 -4.49 -30.03 12.01
C VAL B 254 -3.76 -28.83 11.43
N ALA B 255 -3.40 -27.89 12.31
CA ALA B 255 -2.79 -26.64 11.89
C ALA B 255 -1.46 -26.86 11.16
N ARG B 256 -0.65 -27.79 11.63
CA ARG B 256 0.62 -28.10 10.95
C ARG B 256 0.43 -28.92 9.69
N THR B 257 -0.51 -29.86 9.69
CA THR B 257 -0.57 -30.86 8.62
C THR B 257 -1.64 -30.66 7.55
N MET B 258 -2.57 -29.74 7.76
CA MET B 258 -3.62 -29.46 6.77
C MET B 258 -2.97 -28.97 5.49
N ASN B 259 -3.59 -29.30 4.36
CA ASN B 259 -3.04 -28.95 3.05
C ASN B 259 -1.64 -29.52 2.86
N ASN B 260 -1.42 -30.71 3.44
CA ASN B 260 -0.12 -31.36 3.39
C ASN B 260 0.99 -30.45 3.91
N GLY B 261 0.65 -29.59 4.87
CA GLY B 261 1.60 -28.67 5.46
C GLY B 261 1.83 -27.39 4.68
N GLN B 262 1.31 -27.32 3.46
CA GLN B 262 1.66 -26.24 2.55
C GLN B 262 0.75 -25.03 2.70
N SER B 263 0.93 -24.31 3.81
CA SER B 263 0.14 -23.13 4.09
C SER B 263 0.98 -22.10 4.80
N CYS B 264 0.80 -20.84 4.41
CA CYS B 264 1.52 -19.72 5.00
C CYS B 264 1.15 -19.55 6.47
N ILE B 265 -0.05 -20.00 6.85
CA ILE B 265 -0.49 -19.95 8.25
C ILE B 265 -0.55 -21.32 8.92
N ALA B 266 0.20 -22.30 8.40
CA ALA B 266 0.35 -23.54 9.14
C ALA B 266 1.01 -23.22 10.47
N ALA B 267 0.71 -24.02 11.49
CA ALA B 267 1.51 -23.98 12.72
C ALA B 267 2.84 -24.65 12.40
N LYS B 268 3.93 -23.88 12.40
CA LYS B 268 5.22 -24.43 12.01
C LYS B 268 6.18 -24.62 13.19
N ARG B 269 6.11 -23.75 14.18
CA ARG B 269 7.01 -23.83 15.33
C ARG B 269 6.18 -23.97 16.60
N PHE B 270 6.27 -25.13 17.23
CA PHE B 270 5.55 -25.39 18.46
C PHE B 270 6.40 -24.97 19.65
N ILE B 271 5.87 -24.05 20.45
CA ILE B 271 6.62 -23.46 21.54
C ILE B 271 5.91 -23.83 22.84
N LEU B 272 6.52 -24.75 23.59
CA LEU B 272 5.81 -25.44 24.67
C LEU B 272 6.39 -25.04 26.01
N HIS B 273 5.52 -24.61 26.92
CA HIS B 273 5.97 -24.32 28.27
C HIS B 273 6.47 -25.61 28.89
N GLU B 274 7.59 -25.55 29.60
CA GLU B 274 8.23 -26.77 30.14
C GLU B 274 7.31 -27.59 31.04
N ALA B 275 6.33 -26.94 31.68
CA ALA B 275 5.44 -27.65 32.60
C ALA B 275 4.55 -28.67 31.89
N ILE B 276 4.25 -28.40 30.62
CA ILE B 276 3.38 -29.29 29.85
C ILE B 276 4.05 -29.91 28.63
N ALA B 277 5.31 -29.60 28.40
CA ALA B 277 5.98 -29.99 27.16
C ALA B 277 6.07 -31.50 26.96
N ALA B 278 6.41 -32.25 28.00
CA ALA B 278 6.57 -33.70 27.85
C ALA B 278 5.24 -34.37 27.47
N GLU B 279 4.17 -33.99 28.15
CA GLU B 279 2.85 -34.54 27.83
C GLU B 279 2.38 -34.12 26.44
N PHE B 280 2.54 -32.84 26.11
CA PHE B 280 2.08 -32.34 24.81
C PHE B 280 2.84 -33.02 23.67
N LEU B 281 4.16 -33.10 23.82
CA LEU B 281 5.02 -33.63 22.75
C LEU B 281 4.70 -35.10 22.50
N GLU B 282 4.50 -35.86 23.56
CA GLU B 282 4.19 -37.28 23.39
C GLU B 282 2.86 -37.44 22.65
N LYS B 283 1.88 -36.61 23.01
CA LYS B 283 0.57 -36.71 22.38
C LYS B 283 0.62 -36.23 20.94
N LEU B 284 1.42 -35.19 20.70
CA LEU B 284 1.67 -34.67 19.35
C LEU B 284 2.30 -35.77 18.49
N HIS B 285 3.27 -36.46 19.07
CA HIS B 285 4.00 -37.54 18.41
C HIS B 285 3.03 -38.64 17.97
N LEU B 286 2.17 -39.07 18.89
CA LEU B 286 1.22 -40.14 18.58
C LEU B 286 0.17 -39.70 17.57
N LYS B 287 -0.32 -38.47 17.70
CA LYS B 287 -1.31 -37.94 16.75
C LYS B 287 -0.74 -37.90 15.32
N PHE B 288 0.48 -37.39 15.18
CA PHE B 288 1.12 -37.32 13.87
C PHE B 288 1.29 -38.72 13.27
N ALA B 289 1.70 -39.68 14.11
CA ALA B 289 1.94 -41.03 13.61
C ALA B 289 0.69 -41.75 13.13
N SER B 290 -0.49 -41.28 13.58
CA SER B 290 -1.75 -41.90 13.17
C SER B 290 -2.34 -41.33 11.88
N LEU B 291 -1.71 -40.29 11.34
CA LEU B 291 -2.22 -39.65 10.12
C LEU B 291 -2.14 -40.61 8.93
N LYS B 292 -3.18 -40.61 8.09
CA LYS B 292 -3.19 -41.49 6.93
C LYS B 292 -2.54 -40.82 5.73
N ILE B 293 -1.46 -41.41 5.23
CA ILE B 293 -0.73 -40.87 4.08
C ILE B 293 -1.10 -41.68 2.86
N GLY B 294 -1.46 -41.02 1.76
CA GLY B 294 -1.79 -41.78 0.57
C GLY B 294 -2.51 -40.99 -0.50
N ASP B 295 -3.29 -41.70 -1.31
CA ASP B 295 -4.03 -41.11 -2.41
C ASP B 295 -4.97 -40.02 -1.92
N PRO B 296 -4.72 -38.76 -2.32
CA PRO B 296 -5.53 -37.64 -1.82
C PRO B 296 -6.98 -37.70 -2.30
N MET B 297 -7.28 -38.50 -3.32
CA MET B 297 -8.68 -38.64 -3.76
C MET B 297 -9.50 -39.47 -2.79
N ALA B 298 -8.84 -40.29 -1.96
CA ALA B 298 -9.55 -41.11 -0.98
C ALA B 298 -10.01 -40.28 0.20
N PRO B 299 -11.28 -40.44 0.61
CA PRO B 299 -11.85 -39.62 1.69
C PRO B 299 -11.18 -39.80 3.05
N GLU B 300 -10.55 -40.95 3.28
CA GLU B 300 -9.88 -41.24 4.55
C GLU B 300 -8.47 -40.63 4.64
N THR B 301 -7.93 -40.18 3.52
CA THR B 301 -6.54 -39.70 3.49
C THR B 301 -6.37 -38.38 4.22
N ASP B 302 -5.34 -38.30 5.07
CA ASP B 302 -5.00 -37.04 5.75
C ASP B 302 -3.91 -36.29 4.99
N ILE B 303 -2.94 -37.03 4.49
CA ILE B 303 -1.75 -36.44 3.90
C ILE B 303 -1.55 -36.94 2.46
N GLY B 304 -1.73 -36.06 1.48
CA GLY B 304 -1.39 -36.40 0.11
C GLY B 304 0.08 -36.12 -0.13
N PRO B 305 0.50 -36.16 -1.39
CA PRO B 305 1.90 -35.83 -1.73
C PRO B 305 2.12 -34.32 -1.69
N LEU B 306 3.36 -33.88 -1.54
CA LEU B 306 3.68 -32.48 -1.72
C LEU B 306 3.43 -32.14 -3.19
N ALA B 307 3.27 -30.85 -3.50
CA ALA B 307 2.72 -30.49 -4.80
C ALA B 307 3.67 -30.69 -5.96
N THR B 308 4.97 -30.56 -5.70
CA THR B 308 5.98 -30.66 -6.76
C THR B 308 7.22 -31.39 -6.27
N GLU B 309 8.03 -31.86 -7.21
CA GLU B 309 9.28 -32.50 -6.85
C GLU B 309 10.25 -31.51 -6.20
N GLY B 310 10.21 -30.25 -6.65
CA GLY B 310 11.05 -29.23 -6.06
C GLY B 310 10.75 -28.98 -4.58
N ILE B 311 9.47 -28.98 -4.23
CA ILE B 311 9.08 -28.79 -2.84
C ILE B 311 9.59 -29.97 -2.02
N LEU B 312 9.43 -31.17 -2.57
CA LEU B 312 9.93 -32.39 -1.91
C LEU B 312 11.45 -32.34 -1.71
N GLN B 313 12.18 -31.96 -2.76
CA GLN B 313 13.63 -31.84 -2.66
C GLN B 313 14.05 -30.80 -1.64
N ASP B 314 13.32 -29.69 -1.60
CA ASP B 314 13.64 -28.60 -0.68
C ASP B 314 13.46 -28.98 0.79
N ILE B 315 12.30 -29.55 1.13
CA ILE B 315 12.07 -29.90 2.53
C ILE B 315 13.02 -31.04 2.95
N SER B 316 13.30 -31.96 2.03
CA SER B 316 14.20 -33.07 2.33
C SER B 316 15.58 -32.53 2.71
N ARG B 317 16.06 -31.57 1.93
CA ARG B 317 17.36 -30.96 2.21
C ARG B 317 17.35 -30.16 3.51
N GLN B 318 16.29 -29.39 3.73
CA GLN B 318 16.20 -28.58 4.95
C GLN B 318 16.27 -29.47 6.19
N VAL B 319 15.53 -30.56 6.17
CA VAL B 319 15.51 -31.47 7.30
C VAL B 319 16.86 -32.17 7.45
N ASP B 320 17.42 -32.66 6.34
CA ASP B 320 18.72 -33.32 6.39
C ASP B 320 19.80 -32.43 6.98
N GLN B 321 19.85 -31.17 6.55
CA GLN B 321 20.86 -30.25 7.08
C GLN B 321 20.67 -29.93 8.56
N ALA B 322 19.41 -29.83 8.98
CA ALA B 322 19.10 -29.59 10.40
C ALA B 322 19.60 -30.75 11.24
N VAL B 323 19.38 -31.97 10.75
CA VAL B 323 19.77 -33.19 11.46
C VAL B 323 21.29 -33.31 11.55
N ALA B 324 21.96 -32.98 10.44
CA ALA B 324 23.42 -33.04 10.40
C ALA B 324 24.02 -32.08 11.42
N ALA B 325 23.35 -30.95 11.62
CA ALA B 325 23.80 -29.94 12.56
C ALA B 325 23.54 -30.35 14.01
N GLY B 326 22.67 -31.35 14.21
CA GLY B 326 22.43 -31.88 15.53
C GLY B 326 20.98 -32.01 15.96
N ALA B 327 20.05 -31.56 15.12
CA ALA B 327 18.63 -31.67 15.44
C ALA B 327 18.23 -33.13 15.56
N LYS B 328 17.23 -33.39 16.39
CA LYS B 328 16.74 -34.75 16.58
C LYS B 328 15.44 -34.98 15.81
N ILE B 329 15.34 -36.15 15.17
CA ILE B 329 14.10 -36.57 14.53
C ILE B 329 13.29 -37.41 15.50
N LEU B 330 12.18 -36.86 15.97
CA LEU B 330 11.28 -37.63 16.82
C LEU B 330 10.41 -38.52 15.95
N LEU B 331 10.10 -38.04 14.74
CA LEU B 331 9.22 -38.74 13.82
C LEU B 331 9.50 -38.31 12.39
N GLY B 332 9.50 -39.27 11.46
CA GLY B 332 9.57 -38.95 10.04
C GLY B 332 10.96 -38.60 9.55
N GLY B 333 11.06 -37.53 8.76
CA GLY B 333 12.36 -36.98 8.41
C GLY B 333 13.02 -37.54 7.17
N ARG B 334 12.28 -38.32 6.39
CA ARG B 334 12.82 -38.81 5.12
C ARG B 334 11.71 -39.05 4.12
N PRO B 335 11.98 -38.82 2.83
CA PRO B 335 10.94 -38.97 1.81
C PRO B 335 10.45 -40.40 1.75
N LEU B 336 9.18 -40.61 1.42
CA LEU B 336 8.63 -41.97 1.36
C LEU B 336 9.08 -42.67 0.09
N ASP B 337 9.33 -43.97 0.21
CA ASP B 337 9.72 -44.78 -0.93
C ASP B 337 8.47 -45.31 -1.62
N ARG B 338 7.78 -44.43 -2.34
CA ARG B 338 6.62 -44.80 -3.13
C ARG B 338 6.46 -43.79 -4.26
N ALA B 339 5.61 -44.11 -5.23
CA ALA B 339 5.33 -43.19 -6.33
C ALA B 339 4.70 -41.91 -5.78
N GLY B 340 5.08 -40.78 -6.36
CA GLY B 340 4.53 -39.49 -5.94
C GLY B 340 5.49 -38.75 -5.03
N TYR B 341 5.24 -37.46 -4.83
CA TYR B 341 6.17 -36.62 -4.07
C TYR B 341 5.83 -36.64 -2.58
N PHE B 342 5.86 -37.82 -1.99
CA PHE B 342 5.40 -38.00 -0.62
C PHE B 342 6.48 -37.73 0.43
N TYR B 343 6.14 -36.88 1.40
CA TYR B 343 6.98 -36.65 2.57
C TYR B 343 6.13 -36.80 3.82
N PRO B 344 6.60 -37.58 4.79
CA PRO B 344 5.77 -37.91 5.94
C PRO B 344 5.73 -36.80 6.98
N PRO B 345 4.65 -36.74 7.76
CA PRO B 345 4.61 -35.86 8.93
C PRO B 345 5.85 -36.07 9.78
N THR B 346 6.47 -34.97 10.18
CA THR B 346 7.79 -35.03 10.78
C THR B 346 7.82 -34.11 11.99
N ILE B 347 8.53 -34.53 13.03
CA ILE B 347 8.72 -33.68 14.21
C ILE B 347 10.21 -33.57 14.50
N LEU B 348 10.71 -32.34 14.58
CA LEU B 348 12.13 -32.10 14.90
C LEU B 348 12.23 -31.41 16.25
N THR B 349 13.18 -31.87 17.08
CA THR B 349 13.39 -31.29 18.40
C THR B 349 14.86 -31.01 18.62
N GLU B 350 15.18 -30.34 19.72
CA GLU B 350 16.58 -30.10 20.10
C GLU B 350 17.38 -29.48 18.97
N ILE B 351 16.78 -28.52 18.27
CA ILE B 351 17.46 -27.86 17.17
C ILE B 351 18.50 -26.89 17.72
N PRO B 352 19.76 -27.04 17.29
CA PRO B 352 20.86 -26.19 17.78
C PRO B 352 20.62 -24.72 17.45
N PRO B 353 20.93 -23.81 18.39
CA PRO B 353 20.84 -22.39 18.10
C PRO B 353 21.76 -22.05 16.94
N GLY B 354 21.35 -21.14 16.07
CA GLY B 354 22.15 -20.77 14.92
C GLY B 354 21.94 -21.66 13.71
N ALA B 355 21.20 -22.76 13.88
CA ALA B 355 20.81 -23.57 12.74
C ALA B 355 19.95 -22.74 11.80
N LYS B 356 20.27 -22.79 10.52
CA LYS B 356 19.59 -21.99 9.51
C LYS B 356 18.08 -22.27 9.43
N ILE B 357 17.70 -23.51 9.72
CA ILE B 357 16.30 -23.92 9.61
C ILE B 357 15.38 -23.12 10.53
N LEU B 358 15.93 -22.63 11.64
CA LEU B 358 15.17 -21.83 12.60
C LEU B 358 14.57 -20.58 11.98
N GLN B 359 15.19 -20.13 10.88
CA GLN B 359 14.78 -18.89 10.21
C GLN B 359 14.05 -19.14 8.89
N GLU B 360 13.78 -20.40 8.58
CA GLU B 360 13.16 -20.75 7.30
C GLU B 360 11.71 -21.21 7.42
N GLU B 361 10.98 -21.11 6.31
CA GLU B 361 9.63 -21.65 6.26
C GLU B 361 9.68 -23.11 5.84
N LEU B 362 9.04 -23.97 6.62
CA LEU B 362 8.93 -25.38 6.26
C LEU B 362 7.56 -25.63 5.63
N PHE B 363 7.56 -25.73 4.30
CA PHE B 363 6.31 -25.80 3.54
C PHE B 363 5.98 -27.25 3.25
N ALA B 364 5.70 -27.98 4.32
CA ALA B 364 5.55 -29.43 4.33
C ALA B 364 5.16 -29.78 5.75
N PRO B 365 4.72 -31.01 6.01
CA PRO B 365 4.19 -31.25 7.34
C PRO B 365 5.28 -31.55 8.36
N VAL B 366 6.16 -30.57 8.56
CA VAL B 366 7.32 -30.74 9.44
C VAL B 366 7.26 -29.72 10.57
N ALA B 367 7.05 -30.21 11.79
CA ALA B 367 6.97 -29.34 12.95
C ALA B 367 8.32 -29.21 13.66
N MET B 368 8.73 -27.98 13.95
CA MET B 368 9.84 -27.73 14.84
C MET B 368 9.28 -27.56 16.25
N VAL B 369 9.93 -28.15 17.25
CA VAL B 369 9.42 -28.08 18.62
C VAL B 369 10.46 -27.45 19.56
N PHE B 370 9.99 -26.53 20.41
CA PHE B 370 10.85 -25.84 21.36
C PHE B 370 10.23 -25.86 22.74
N THR B 371 11.07 -25.81 23.77
CA THR B 371 10.60 -25.67 25.14
C THR B 371 11.04 -24.31 25.69
N VAL B 372 10.13 -23.62 26.38
CA VAL B 372 10.44 -22.35 27.04
C VAL B 372 10.01 -22.38 28.51
N LYS B 373 10.51 -21.43 29.29
CA LYS B 373 10.30 -21.48 30.74
C LYS B 373 9.29 -20.47 31.25
N ASP B 374 9.01 -19.46 30.44
CA ASP B 374 8.08 -18.40 30.87
C ASP B 374 7.52 -17.61 29.69
N LEU B 375 6.64 -16.68 29.99
CA LEU B 375 5.96 -15.89 28.98
C LEU B 375 6.92 -15.03 28.16
N ASP B 376 7.85 -14.37 28.83
CA ASP B 376 8.80 -13.52 28.12
C ASP B 376 9.60 -14.32 27.10
N GLN B 377 10.05 -15.52 27.50
CA GLN B 377 10.85 -16.35 26.61
C GLN B 377 10.01 -16.85 25.44
N ALA B 378 8.75 -17.16 25.71
CA ALA B 378 7.86 -17.65 24.65
C ALA B 378 7.66 -16.59 23.58
N ILE B 379 7.42 -15.36 24.02
CA ILE B 379 7.19 -14.25 23.11
C ILE B 379 8.46 -13.93 22.33
N ALA B 380 9.60 -13.93 23.00
CA ALA B 380 10.86 -13.64 22.33
C ALA B 380 11.15 -14.68 21.24
N LEU B 381 10.96 -15.96 21.56
CA LEU B 381 11.21 -17.02 20.60
C LEU B 381 10.20 -16.96 19.45
N ALA B 382 8.95 -16.71 19.80
CA ALA B 382 7.90 -16.62 18.78
C ALA B 382 8.21 -15.54 17.74
N ASN B 383 8.81 -14.44 18.18
CA ASN B 383 9.06 -13.31 17.29
C ASN B 383 10.43 -13.37 16.60
N ASP B 384 11.26 -14.32 16.99
CA ASP B 384 12.63 -14.35 16.51
C ASP B 384 12.73 -15.03 15.15
N ILE B 385 12.01 -14.49 14.17
CA ILE B 385 11.99 -14.98 12.80
C ILE B 385 11.84 -13.78 11.88
N PRO B 386 12.12 -13.96 10.57
CA PRO B 386 11.94 -12.84 9.65
C PRO B 386 10.49 -12.61 9.27
N PHE B 387 9.64 -13.61 9.48
CA PHE B 387 8.25 -13.56 9.09
C PHE B 387 7.36 -13.03 10.21
N GLY B 388 6.10 -12.77 9.89
CA GLY B 388 5.16 -12.27 10.88
C GLY B 388 3.73 -12.37 10.39
N LEU B 389 3.31 -13.57 10.02
CA LEU B 389 1.98 -13.73 9.44
C LEU B 389 0.94 -14.00 10.52
N GLY B 390 0.91 -15.23 11.03
CA GLY B 390 -0.07 -15.56 12.06
C GLY B 390 0.61 -16.00 13.35
N ALA B 391 -0.18 -16.21 14.39
CA ALA B 391 0.32 -16.72 15.65
C ALA B 391 -0.84 -17.31 16.44
N SER B 392 -0.59 -18.44 17.08
CA SER B 392 -1.61 -19.08 17.90
C SER B 392 -1.03 -19.31 19.28
N ALA B 393 -1.80 -18.99 20.32
CA ALA B 393 -1.33 -19.21 21.68
C ALA B 393 -2.44 -19.81 22.51
N TRP B 394 -2.07 -20.74 23.39
CA TRP B 394 -3.04 -21.52 24.15
C TRP B 394 -2.83 -21.32 25.63
N THR B 395 -3.81 -20.67 26.25
CA THR B 395 -3.76 -20.33 27.66
C THR B 395 -5.11 -19.83 28.06
N ASN B 396 -5.46 -20.07 29.31
CA ASN B 396 -6.73 -19.59 29.85
C ASN B 396 -6.54 -18.58 30.98
N ASP B 397 -5.34 -18.04 31.06
CA ASP B 397 -5.06 -16.92 31.97
C ASP B 397 -5.23 -15.62 31.21
N PRO B 398 -6.18 -14.77 31.64
CA PRO B 398 -6.48 -13.52 30.92
C PRO B 398 -5.26 -12.61 30.74
N ALA B 399 -4.39 -12.53 31.74
CA ALA B 399 -3.21 -11.65 31.62
C ALA B 399 -2.22 -12.18 30.56
N GLU B 400 -2.04 -13.49 30.52
CA GLU B 400 -1.22 -14.10 29.48
C GLU B 400 -1.83 -13.87 28.09
N GLN B 401 -3.15 -14.03 28.01
CA GLN B 401 -3.84 -13.85 26.73
C GLN B 401 -3.61 -12.46 26.20
N GLN B 402 -3.72 -11.47 27.09
CA GLN B 402 -3.55 -10.09 26.66
C GLN B 402 -2.13 -9.79 26.21
N ARG B 403 -1.14 -10.34 26.92
CA ARG B 403 0.25 -10.15 26.52
C ARG B 403 0.55 -10.82 25.18
N PHE B 404 0.03 -12.03 24.97
CA PHE B 404 0.20 -12.71 23.68
C PHE B 404 -0.42 -11.90 22.55
N ILE B 405 -1.64 -11.41 22.76
CA ILE B 405 -2.34 -10.61 21.77
C ILE B 405 -1.55 -9.33 21.46
N GLN B 406 -1.03 -8.69 22.50
CA GLN B 406 -0.37 -7.41 22.33
C GLN B 406 1.04 -7.53 21.74
N GLU B 407 1.76 -8.57 22.13
CA GLU B 407 3.20 -8.60 21.88
C GLU B 407 3.69 -9.56 20.81
N LEU B 408 2.84 -10.49 20.38
CA LEU B 408 3.22 -11.36 19.27
C LEU B 408 3.25 -10.56 17.98
N ASP B 409 4.40 -10.57 17.30
CA ASP B 409 4.60 -9.75 16.12
C ASP B 409 4.07 -10.45 14.88
N ALA B 410 2.77 -10.37 14.67
CA ALA B 410 2.11 -11.06 13.57
C ALA B 410 0.89 -10.27 13.13
N GLY B 411 0.41 -10.54 11.93
CA GLY B 411 -0.79 -9.89 11.44
C GLY B 411 -2.08 -10.47 12.01
N ALA B 412 -1.99 -11.66 12.58
CA ALA B 412 -3.14 -12.30 13.21
C ALA B 412 -2.71 -13.06 14.47
N VAL B 413 -3.46 -12.89 15.55
CA VAL B 413 -3.19 -13.64 16.77
C VAL B 413 -4.48 -14.35 17.18
N PHE B 414 -4.41 -15.67 17.26
CA PHE B 414 -5.55 -16.48 17.68
C PHE B 414 -5.27 -17.06 19.06
N ILE B 415 -6.21 -16.90 19.98
CA ILE B 415 -6.05 -17.47 21.32
C ILE B 415 -6.99 -18.66 21.47
N ASN B 416 -6.41 -19.80 21.79
CA ASN B 416 -7.16 -21.06 21.96
C ASN B 416 -7.85 -21.54 20.70
N GLY B 417 -7.25 -21.26 19.55
CA GLY B 417 -7.73 -21.78 18.29
C GLY B 417 -6.62 -21.65 17.26
N MET B 418 -6.70 -22.41 16.17
CA MET B 418 -5.74 -22.28 15.08
C MET B 418 -6.06 -21.05 14.23
N VAL B 419 -5.02 -20.39 13.74
CA VAL B 419 -5.18 -19.30 12.78
C VAL B 419 -5.92 -19.81 11.55
N LYS B 420 -6.95 -19.07 11.13
CA LYS B 420 -7.69 -19.38 9.91
C LYS B 420 -8.07 -18.07 9.26
N SER B 421 -8.23 -18.08 7.95
CA SER B 421 -8.78 -16.90 7.27
C SER B 421 -10.30 -17.00 7.27
N ASP B 422 -10.97 -15.85 7.33
CA ASP B 422 -12.43 -15.79 7.39
C ASP B 422 -12.79 -14.52 6.64
N PRO B 423 -13.71 -14.59 5.65
CA PRO B 423 -14.04 -13.37 4.90
C PRO B 423 -14.46 -12.19 5.78
N ARG B 424 -14.95 -12.46 6.98
CA ARG B 424 -15.46 -11.40 7.84
C ARG B 424 -14.38 -10.56 8.51
N LEU B 425 -13.14 -11.05 8.50
CA LEU B 425 -12.04 -10.37 9.18
C LEU B 425 -10.88 -10.18 8.20
N PRO B 426 -10.21 -9.01 8.27
CA PRO B 426 -9.02 -8.79 7.42
C PRO B 426 -7.91 -9.82 7.67
N PHE B 427 -7.06 -10.01 6.68
CA PHE B 427 -6.03 -11.04 6.72
C PHE B 427 -4.80 -10.56 5.98
N GLY B 428 -3.65 -10.59 6.65
CA GLY B 428 -2.42 -10.22 6.00
C GLY B 428 -1.23 -10.32 6.92
N GLY B 429 -0.04 -10.11 6.37
CA GLY B 429 1.19 -10.26 7.15
C GLY B 429 1.86 -8.97 7.57
N THR B 430 2.93 -9.14 8.36
CA THR B 430 3.85 -8.05 8.69
C THR B 430 5.25 -8.56 8.47
N LYS B 431 6.25 -7.70 8.64
CA LYS B 431 7.65 -8.09 8.44
C LYS B 431 7.82 -8.71 7.05
N ARG B 432 8.56 -9.80 6.94
CA ARG B 432 8.83 -10.38 5.62
C ARG B 432 7.67 -11.22 5.09
N SER B 433 6.58 -11.27 5.85
CA SER B 433 5.37 -11.97 5.38
C SER B 433 4.52 -11.09 4.47
N GLY B 434 4.92 -9.83 4.33
CA GLY B 434 4.23 -8.94 3.42
C GLY B 434 3.55 -7.76 4.08
N TYR B 435 2.58 -7.20 3.37
CA TYR B 435 1.88 -5.99 3.80
C TYR B 435 0.57 -5.89 3.06
N GLY B 436 -0.33 -5.06 3.58
CA GLY B 436 -1.65 -4.96 2.98
C GLY B 436 -2.57 -6.02 3.57
N ARG B 437 -3.87 -5.84 3.39
CA ARG B 437 -4.85 -6.75 3.97
C ARG B 437 -5.89 -7.15 2.94
N GLU B 438 -6.17 -8.45 2.89
CA GLU B 438 -7.30 -8.98 2.15
C GLU B 438 -8.44 -9.27 3.11
N LEU B 439 -9.62 -9.53 2.55
CA LEU B 439 -10.82 -9.87 3.32
C LEU B 439 -11.37 -8.71 4.14
N GLY B 440 -12.56 -8.92 4.70
CA GLY B 440 -13.25 -7.86 5.43
C GLY B 440 -13.42 -6.60 4.60
N LEU B 441 -13.47 -5.46 5.25
CA LEU B 441 -13.58 -4.18 4.55
C LEU B 441 -12.31 -3.94 3.76
N ALA B 442 -11.15 -4.26 4.36
CA ALA B 442 -9.86 -3.96 3.73
C ALA B 442 -9.70 -4.54 2.33
N GLY B 443 -10.19 -5.76 2.12
CA GLY B 443 -10.04 -6.43 0.85
C GLY B 443 -10.63 -5.67 -0.33
N ILE B 444 -11.72 -4.93 -0.09
CA ILE B 444 -12.36 -4.19 -1.18
C ILE B 444 -11.89 -2.73 -1.24
N ARG B 445 -11.17 -2.28 -0.22
CA ARG B 445 -10.65 -0.92 -0.20
C ARG B 445 -9.22 -0.81 -0.71
N THR B 446 -8.56 -1.94 -0.86
CA THR B 446 -7.13 -1.92 -1.22
C THR B 446 -6.86 -1.30 -2.59
N PHE B 447 -7.56 -1.79 -3.62
CA PHE B 447 -7.29 -1.35 -4.99
C PHE B 447 -8.42 -0.50 -5.56
N VAL B 448 -8.81 0.52 -4.81
CA VAL B 448 -9.73 1.52 -5.32
C VAL B 448 -9.10 2.88 -5.17
N ASN B 449 -9.54 3.81 -6.00
CA ASN B 449 -9.22 5.21 -5.83
C ASN B 449 -10.17 5.76 -4.79
N ALA B 450 -9.64 6.10 -3.61
CA ALA B 450 -10.42 6.82 -2.61
C ALA B 450 -10.37 8.28 -3.02
N LYS B 451 -11.45 8.74 -3.66
CA LYS B 451 -11.49 10.06 -4.26
C LYS B 451 -12.16 11.04 -3.30
N THR B 452 -11.43 12.07 -2.90
CA THR B 452 -12.02 13.12 -2.05
C THR B 452 -12.75 14.10 -2.92
N VAL B 453 -13.98 14.41 -2.54
CA VAL B 453 -14.82 15.32 -3.30
C VAL B 453 -15.19 16.48 -2.40
N TRP B 454 -15.07 17.69 -2.93
CA TRP B 454 -15.41 18.89 -2.19
C TRP B 454 -16.27 19.72 -3.13
N LEU B 455 -17.48 20.03 -2.69
CA LEU B 455 -18.42 20.78 -3.52
C LEU B 455 -18.83 22.04 -2.76
N LYS B 456 -18.54 23.21 -3.33
CA LYS B 456 -18.84 24.47 -2.66
C LYS B 456 -20.30 24.56 -2.27
C1 EDO C . 2.34 -0.49 -2.38
O1 EDO C . 1.03 0.01 -2.08
C2 EDO C . 3.21 -0.47 -1.13
O2 EDO C . 2.41 -0.75 0.04
C1 EDO D . -8.61 11.44 -1.59
O1 EDO D . -8.68 10.36 -0.65
C2 EDO D . -7.25 11.72 -2.15
O2 EDO D . -7.11 13.10 -2.49
C1 EDO E . 13.37 14.76 18.48
O1 EDO E . 14.52 14.59 19.34
C2 EDO E . 12.21 13.92 19.01
O2 EDO E . 12.58 12.54 19.02
C1 EDO F . 10.07 22.77 -13.81
O1 EDO F . 8.76 22.60 -14.36
C2 EDO F . 10.47 21.52 -13.02
O2 EDO F . 10.90 20.50 -13.93
C1 EDO G . 25.71 2.03 0.63
O1 EDO G . 24.28 2.08 0.67
C2 EDO G . 26.26 2.91 1.74
O2 EDO G . 25.92 2.30 2.99
C1 EDO H . 26.57 6.70 0.00
O1 EDO H . 26.25 8.05 -0.39
C2 EDO H . 27.15 6.72 1.40
O2 EDO H . 26.09 7.00 2.33
C1 EDO I . 7.21 14.20 -12.53
O1 EDO I . 8.49 13.74 -12.05
C2 EDO I . 6.30 14.55 -11.35
O2 EDO I . 6.04 13.37 -10.57
C1 EDO J . 0.36 5.15 10.43
O1 EDO J . 0.00 5.51 9.08
C2 EDO J . 1.15 6.31 11.00
O2 EDO J . 2.45 6.38 10.36
C1 EDO K . 8.66 18.27 -10.18
O1 EDO K . 8.15 18.53 -11.50
C2 EDO K . 9.66 19.33 -9.77
O2 EDO K . 10.86 19.17 -10.54
C1 EDO L . -1.68 24.35 -3.87
O1 EDO L . -0.92 23.59 -2.90
C2 EDO L . -1.07 25.74 -4.01
O2 EDO L . -2.04 26.74 -3.71
C1 EDO M . 18.31 17.69 4.43
O1 EDO M . 19.09 16.59 3.89
C2 EDO M . 17.86 17.26 5.83
O2 EDO M . 17.30 15.94 5.90
C1 EDO N . 8.59 20.09 -27.48
O1 EDO N . 7.83 18.91 -27.76
C2 EDO N . 7.63 21.16 -26.98
O2 EDO N . 7.00 20.73 -25.76
C1 EDO O . -3.20 16.96 -23.49
O1 EDO O . -2.42 15.79 -23.62
C2 EDO O . -3.52 17.16 -22.01
O2 EDO O . -2.59 18.08 -21.43
C1 EDO P . -1.27 2.51 18.69
O1 EDO P . -1.20 2.26 17.27
C2 EDO P . 0.08 2.24 19.31
O2 EDO P . -0.03 1.55 20.56
C1 EDO Q . 2.75 -2.33 20.49
O1 EDO Q . 3.47 -2.23 19.27
C2 EDO Q . 1.54 -1.39 20.44
O2 EDO Q . 1.96 -0.03 20.58
C1 EDO R . -2.36 1.97 23.10
O1 EDO R . -3.11 2.28 24.29
C2 EDO R . -1.14 2.88 23.05
O2 EDO R . -0.29 2.58 24.16
C1 EDO S . 15.40 6.63 -3.01
O1 EDO S . 16.64 6.23 -3.59
C2 EDO S . 15.10 8.08 -3.39
O2 EDO S . 16.30 8.86 -3.25
P PO4 T . 18.26 15.75 -2.74
O1 PO4 T . 17.42 16.98 -2.48
O2 PO4 T . 19.47 16.12 -3.58
O3 PO4 T . 18.79 15.20 -1.44
O4 PO4 T . 17.44 14.70 -3.46
C1 EDO U . -14.72 -6.92 -25.09
O1 EDO U . -15.90 -7.74 -25.16
C2 EDO U . -15.15 -5.47 -24.92
O2 EDO U . -15.83 -5.26 -23.67
C1 EDO V . -14.56 -14.53 -17.78
O1 EDO V . -14.80 -14.56 -19.19
C2 EDO V . -15.31 -13.36 -17.18
O2 EDO V . -14.74 -12.13 -17.64
C1 EDO W . 8.27 -9.62 -23.15
O1 EDO W . 7.43 -8.50 -23.49
C2 EDO W . 9.44 -9.10 -22.34
O2 EDO W . 8.95 -8.55 -21.12
C1 EDO X . 9.87 -25.37 0.52
O1 EDO X . 11.04 -24.55 0.65
C2 EDO X . 9.96 -26.54 1.51
O2 EDO X . 9.98 -26.05 2.85
C1 EDO Y . -24.16 -21.18 -15.44
O1 EDO Y . -24.43 -20.35 -16.61
C2 EDO Y . -25.10 -20.90 -14.25
O2 EDO Y . -24.72 -19.69 -13.53
C1 EDO Z . -3.84 -24.59 7.14
O1 EDO Z . -4.79 -25.36 7.87
C2 EDO Z . -4.25 -23.11 7.21
O2 EDO Z . -4.28 -22.54 5.90
C1 EDO AA . 8.09 -13.53 -23.12
O1 EDO AA . 6.79 -13.37 -22.55
C2 EDO AA . 9.13 -13.58 -22.01
O2 EDO AA . 9.03 -14.85 -21.35
C1 EDO BA . 8.49 -17.29 2.29
O1 EDO BA . 7.96 -16.01 1.89
C2 EDO BA . 9.99 -17.34 2.01
O2 EDO BA . 10.22 -17.40 0.60
C1 EDO CA . -10.80 -4.43 -5.05
O1 EDO CA . -9.76 -5.00 -5.87
C2 EDO CA . -10.26 -3.21 -4.33
O2 EDO CA . -9.34 -3.69 -3.32
C1 EDO DA . 7.26 -22.40 -0.32
O1 EDO DA . 8.24 -22.82 -1.28
C2 EDO DA . 7.84 -21.29 0.56
O2 EDO DA . 8.60 -21.85 1.63
C1 EDO EA . -4.56 -19.52 3.79
O1 EDO EA . -3.93 -18.47 3.05
C2 EDO EA . -6.00 -19.12 4.05
O2 EDO EA . -6.69 -20.18 4.72
C1 EDO FA . -6.51 -40.99 10.88
O1 EDO FA . -7.23 -40.08 10.05
C2 EDO FA . -6.26 -40.35 12.24
O2 EDO FA . -5.58 -39.10 12.03
C1 EDO GA . 20.78 -26.46 9.52
O1 EDO GA . 19.55 -25.73 9.45
C2 EDO GA . 21.88 -25.74 8.76
O2 EDO GA . 22.24 -24.57 9.49
C1 EDO HA . 7.07 -13.49 -11.12
O1 EDO HA . 6.40 -14.73 -10.85
C2 EDO HA . 6.66 -12.47 -10.06
O2 EDO HA . 7.14 -11.18 -10.47
P PO4 IA . 5.62 -20.32 -11.93
O1 PO4 IA . 4.84 -19.71 -13.06
O2 PO4 IA . 6.74 -21.14 -12.52
O3 PO4 IA . 6.22 -19.23 -11.06
O4 PO4 IA . 4.72 -21.20 -11.08
#